data_1CD9
#
_entry.id   1CD9
#
_cell.length_a   125.467
_cell.length_b   125.467
_cell.length_c   372.771
_cell.angle_alpha   90.00
_cell.angle_beta   90.00
_cell.angle_gamma   90.00
#
_symmetry.space_group_name_H-M   'I 41 2 2'
#
loop_
_entity.id
_entity.type
_entity.pdbx_description
1 polymer 'PROTEIN (GRANULOCYTE COLONY-STIMULATING FACTOR)'
2 polymer 'PROTEIN (G-CSF RECEPTOR)'
3 non-polymer 2-acetamido-2-deoxy-beta-D-glucopyranose
4 water water
#
loop_
_entity_poly.entity_id
_entity_poly.type
_entity_poly.pdbx_seq_one_letter_code
_entity_poly.pdbx_strand_id
1 'polypeptide(L)'
;MTPLGPASSLPQSFLLKCLEQVRKIQGDGAALQEKLCATYKLCHPEELVLLGHSLGIPWAPLSSCPSQALQLAGCLSQLH
SGLFLYQGLLQALEGISPELGPTLDTLQLDVADFATTIWQQMEELGMAPALQPTQGAMPAFASAFQRRAGGVLVASHLQS
FLEVSYRVLRHLAQP
;
A,C
2 'polypeptide(L)'
;AGYPPASPSNLSCLMHLTTNSLVCQWEPGPETHLPTSFILKSFRSRADCQYQGDTIPDCVAKKRQNNCSIPRKNLLLYQY
MAIWVQAENMLGSSESPKLCLDPMDVVKLEPPMLQALDIGPDVVSHQPGCLWLSWKPWKPSEYMEQECELRYQPQLKGAN
WTLVFHLPSSKDQFELCGLHQAPVYTLQMRCIRSSLPGFWSPWSPGLQLRPTMKA
;
B,D
#
loop_
_chem_comp.id
_chem_comp.type
_chem_comp.name
_chem_comp.formula
NAG D-saccharide, beta linking 2-acetamido-2-deoxy-beta-D-glucopyranose 'C8 H15 N O6'
#
# COMPACT_ATOMS: atom_id res chain seq x y z
N GLY A 5 16.18 -11.48 9.92
CA GLY A 5 14.83 -10.88 9.68
C GLY A 5 14.28 -11.41 8.39
N PRO A 6 13.02 -11.07 8.01
CA PRO A 6 12.39 -11.54 6.77
C PRO A 6 12.98 -10.82 5.55
N ALA A 7 14.31 -10.77 5.49
CA ALA A 7 15.03 -10.10 4.42
C ALA A 7 14.97 -10.92 3.14
N SER A 8 15.21 -10.27 2.01
CA SER A 8 15.21 -10.95 0.73
C SER A 8 15.81 -10.02 -0.29
N SER A 9 16.49 -10.59 -1.26
CA SER A 9 17.14 -9.82 -2.31
C SER A 9 16.15 -9.40 -3.37
N LEU A 10 14.91 -9.84 -3.23
CA LEU A 10 13.87 -9.50 -4.19
C LEU A 10 12.77 -8.72 -3.51
N PRO A 11 12.28 -7.67 -4.18
CA PRO A 11 11.22 -6.82 -3.66
C PRO A 11 9.97 -7.66 -3.62
N GLN A 12 9.04 -7.34 -2.72
CA GLN A 12 7.81 -8.11 -2.66
C GLN A 12 6.84 -7.74 -3.78
N SER A 13 6.78 -6.48 -4.20
CA SER A 13 5.86 -6.10 -5.27
C SER A 13 6.21 -6.92 -6.53
N PHE A 14 7.50 -7.08 -6.78
CA PHE A 14 7.94 -7.82 -7.93
C PHE A 14 7.50 -9.27 -7.84
N LEU A 15 7.79 -9.91 -6.73
CA LEU A 15 7.36 -11.29 -6.54
C LEU A 15 5.86 -11.52 -6.66
N LEU A 16 5.04 -10.58 -6.22
CA LEU A 16 3.61 -10.76 -6.34
C LEU A 16 3.17 -10.61 -7.79
N LYS A 17 3.82 -9.73 -8.54
CA LYS A 17 3.49 -9.56 -9.95
C LYS A 17 3.90 -10.82 -10.69
N CYS A 18 5.04 -11.42 -10.30
CA CYS A 18 5.48 -12.66 -10.94
C CYS A 18 4.42 -13.74 -10.72
N LEU A 19 3.92 -13.85 -9.50
CA LEU A 19 2.90 -14.84 -9.18
C LEU A 19 1.61 -14.61 -9.94
N GLU A 20 1.34 -13.38 -10.29
CA GLU A 20 0.14 -13.07 -11.02
C GLU A 20 0.34 -13.40 -12.49
N GLN A 21 1.56 -13.21 -12.98
CA GLN A 21 1.86 -13.51 -14.36
C GLN A 21 1.82 -15.02 -14.50
N VAL A 22 2.30 -15.73 -13.50
CA VAL A 22 2.25 -17.17 -13.57
C VAL A 22 0.81 -17.63 -13.69
N ARG A 23 -0.09 -17.09 -12.90
CA ARG A 23 -1.47 -17.51 -13.00
C ARG A 23 -2.13 -17.14 -14.30
N LYS A 24 -1.83 -15.95 -14.82
CA LYS A 24 -2.40 -15.47 -16.07
C LYS A 24 -2.01 -16.42 -17.20
N ILE A 25 -0.72 -16.75 -17.28
CA ILE A 25 -0.21 -17.66 -18.28
C ILE A 25 -0.79 -19.05 -18.06
N GLN A 26 -0.93 -19.50 -16.82
CA GLN A 26 -1.49 -20.80 -16.55
C GLN A 26 -2.91 -20.84 -17.05
N GLY A 27 -3.56 -19.71 -17.08
CA GLY A 27 -4.92 -19.66 -17.56
C GLY A 27 -4.92 -19.59 -19.07
N ASP A 28 -3.87 -19.03 -19.65
CA ASP A 28 -3.78 -18.94 -21.10
C ASP A 28 -3.51 -20.35 -21.69
N GLY A 29 -2.59 -21.08 -21.09
CA GLY A 29 -2.28 -22.42 -21.58
C GLY A 29 -3.48 -23.33 -21.45
N ALA A 30 -4.28 -23.12 -20.41
CA ALA A 30 -5.48 -23.93 -20.18
C ALA A 30 -6.45 -23.70 -21.33
N ALA A 31 -6.58 -22.45 -21.74
CA ALA A 31 -7.45 -22.09 -22.86
C ALA A 31 -6.96 -22.78 -24.13
N LEU A 32 -5.64 -22.71 -24.36
CA LEU A 32 -5.03 -23.35 -25.53
C LEU A 32 -5.29 -24.85 -25.48
N GLN A 33 -5.01 -25.48 -24.35
CA GLN A 33 -5.25 -26.90 -24.23
C GLN A 33 -6.71 -27.28 -24.38
N GLU A 34 -7.59 -26.38 -24.02
CA GLU A 34 -9.00 -26.65 -24.17
C GLU A 34 -9.30 -26.59 -25.66
N LYS A 35 -8.87 -25.51 -26.30
CA LYS A 35 -9.11 -25.37 -27.72
C LYS A 35 -8.63 -26.60 -28.53
N LEU A 36 -7.37 -27.02 -28.33
CA LEU A 36 -6.81 -28.17 -29.02
C LEU A 36 -7.63 -29.42 -28.76
N CYS A 37 -8.16 -29.57 -27.56
CA CYS A 37 -8.97 -30.74 -27.31
C CYS A 37 -10.34 -30.60 -27.95
N ALA A 38 -10.87 -29.41 -28.00
CA ALA A 38 -12.20 -29.22 -28.58
C ALA A 38 -12.16 -29.31 -30.09
N THR A 39 -11.20 -28.62 -30.65
CA THR A 39 -11.03 -28.53 -32.07
C THR A 39 -10.42 -29.77 -32.74
N TYR A 40 -9.56 -30.49 -32.05
CA TYR A 40 -8.89 -31.63 -32.63
C TYR A 40 -8.90 -32.87 -31.77
N LYS A 41 -9.83 -32.97 -30.85
CA LYS A 41 -9.91 -34.11 -29.94
C LYS A 41 -8.56 -34.69 -29.48
N LEU A 42 -7.57 -33.82 -29.38
CA LEU A 42 -6.21 -34.14 -28.89
C LEU A 42 -6.26 -33.71 -27.41
N CYS A 43 -6.76 -34.57 -26.56
CA CYS A 43 -6.96 -34.19 -25.17
C CYS A 43 -6.04 -34.68 -24.07
N HIS A 44 -5.23 -35.69 -24.34
CA HIS A 44 -4.38 -36.24 -23.28
C HIS A 44 -2.92 -36.22 -23.69
N PRO A 45 -2.14 -35.26 -23.20
CA PRO A 45 -0.71 -35.15 -23.54
C PRO A 45 0.08 -36.41 -23.32
N GLU A 46 -0.35 -37.22 -22.36
CA GLU A 46 0.31 -38.47 -22.02
C GLU A 46 0.42 -39.34 -23.25
N GLU A 47 -0.65 -39.35 -24.04
CA GLU A 47 -0.70 -40.12 -25.26
C GLU A 47 0.40 -39.68 -26.21
N LEU A 48 0.79 -38.42 -26.13
CA LEU A 48 1.79 -37.89 -27.04
C LEU A 48 3.19 -37.93 -26.47
N VAL A 49 3.31 -38.40 -25.25
CA VAL A 49 4.60 -38.45 -24.57
C VAL A 49 5.83 -38.75 -25.45
N LEU A 50 5.83 -39.87 -26.15
CA LEU A 50 6.96 -40.22 -27.00
C LEU A 50 7.37 -39.24 -28.07
N LEU A 51 6.46 -38.39 -28.54
CA LEU A 51 6.81 -37.44 -29.60
C LEU A 51 7.70 -36.29 -29.13
N GLY A 52 7.86 -36.16 -27.82
CA GLY A 52 8.72 -35.12 -27.28
C GLY A 52 10.16 -35.36 -27.69
N HIS A 53 10.59 -36.62 -27.59
CA HIS A 53 11.95 -36.95 -27.96
C HIS A 53 12.03 -36.90 -29.47
N SER A 54 11.03 -37.49 -30.12
CA SER A 54 10.96 -37.53 -31.59
C SER A 54 11.02 -36.15 -32.23
N LEU A 55 10.35 -35.19 -31.62
CA LEU A 55 10.30 -33.83 -32.17
C LEU A 55 11.37 -32.94 -31.62
N GLY A 56 11.93 -33.36 -30.49
CA GLY A 56 12.99 -32.62 -29.85
C GLY A 56 12.53 -31.51 -28.95
N ILE A 57 11.33 -31.65 -28.40
CA ILE A 57 10.77 -30.65 -27.51
C ILE A 57 11.68 -30.51 -26.30
N PRO A 58 12.36 -29.36 -26.19
CA PRO A 58 13.26 -29.13 -25.05
C PRO A 58 12.54 -29.13 -23.68
N TRP A 59 13.33 -29.27 -22.63
CA TRP A 59 12.82 -29.28 -21.28
C TRP A 59 13.57 -28.13 -20.59
N ALA A 60 12.88 -27.43 -19.71
CA ALA A 60 13.47 -26.33 -18.95
C ALA A 60 13.49 -26.77 -17.50
N PRO A 61 14.69 -26.87 -16.93
CA PRO A 61 14.97 -27.29 -15.55
C PRO A 61 14.79 -26.15 -14.54
N LEU A 62 14.69 -26.49 -13.25
CA LEU A 62 14.59 -25.48 -12.19
C LEU A 62 15.40 -25.90 -10.96
N SER A 63 16.45 -26.68 -11.21
CA SER A 63 17.36 -27.22 -10.20
C SER A 63 17.85 -26.26 -9.10
N SER A 64 17.88 -24.98 -9.42
CA SER A 64 18.38 -24.00 -8.49
C SER A 64 17.38 -23.20 -7.68
N CYS A 65 16.21 -23.75 -7.38
CA CYS A 65 15.26 -22.97 -6.61
C CYS A 65 14.82 -23.37 -5.18
N PRO A 66 14.84 -24.67 -4.83
CA PRO A 66 14.43 -25.03 -3.46
C PRO A 66 15.59 -24.92 -2.47
N SER A 67 16.76 -24.54 -2.99
CA SER A 67 17.98 -24.44 -2.20
C SER A 67 18.68 -23.07 -2.02
N GLN A 68 17.92 -21.98 -1.97
CA GLN A 68 18.49 -20.64 -1.75
C GLN A 68 17.45 -19.53 -1.51
N ALA A 69 17.80 -18.56 -0.63
CA ALA A 69 16.90 -17.44 -0.24
C ALA A 69 17.36 -15.98 -0.44
N LEU A 70 18.53 -15.62 0.05
CA LEU A 70 19.04 -14.26 -0.10
C LEU A 70 20.00 -14.19 -1.30
N GLN A 71 20.36 -15.37 -1.80
CA GLN A 71 21.24 -15.53 -2.97
C GLN A 71 20.39 -16.32 -3.97
N LEU A 72 19.83 -15.61 -4.95
CA LEU A 72 18.93 -16.22 -5.96
C LEU A 72 19.16 -15.87 -7.44
N ALA A 73 20.34 -15.36 -7.76
CA ALA A 73 20.69 -14.99 -9.12
C ALA A 73 20.49 -16.17 -10.05
N GLY A 74 20.86 -17.35 -9.58
CA GLY A 74 20.72 -18.54 -10.38
C GLY A 74 19.26 -18.90 -10.60
N CYS A 75 18.43 -18.76 -9.55
CA CYS A 75 17.02 -19.11 -9.63
C CYS A 75 16.25 -18.23 -10.63
N LEU A 76 16.36 -16.91 -10.51
CA LEU A 76 15.70 -16.07 -11.48
C LEU A 76 16.25 -16.37 -12.87
N SER A 77 17.58 -16.54 -12.96
CA SER A 77 18.25 -16.85 -14.22
C SER A 77 17.60 -18.03 -14.94
N GLN A 78 17.26 -19.09 -14.21
CA GLN A 78 16.62 -20.28 -14.79
C GLN A 78 15.17 -20.02 -15.17
N LEU A 79 14.44 -19.36 -14.28
CA LEU A 79 13.07 -19.03 -14.53
C LEU A 79 13.06 -18.32 -15.85
N HIS A 80 13.96 -17.37 -16.03
CA HIS A 80 14.01 -16.68 -17.29
C HIS A 80 14.34 -17.57 -18.46
N SER A 81 15.40 -18.38 -18.35
CA SER A 81 15.76 -19.24 -19.48
C SER A 81 14.61 -20.11 -19.90
N GLY A 82 13.87 -20.62 -18.91
CA GLY A 82 12.73 -21.48 -19.20
C GLY A 82 11.66 -20.74 -19.97
N LEU A 83 11.21 -19.62 -19.43
CA LEU A 83 10.16 -18.85 -20.06
C LEU A 83 10.60 -18.42 -21.41
N PHE A 84 11.89 -18.19 -21.52
CA PHE A 84 12.48 -17.78 -22.79
C PHE A 84 12.40 -18.92 -23.82
N LEU A 85 12.58 -20.13 -23.34
CA LEU A 85 12.55 -21.30 -24.18
C LEU A 85 11.15 -21.55 -24.70
N TYR A 86 10.19 -21.53 -23.80
CA TYR A 86 8.81 -21.77 -24.20
C TYR A 86 8.33 -20.65 -25.06
N GLN A 87 8.94 -19.49 -24.94
CA GLN A 87 8.56 -18.38 -25.79
C GLN A 87 8.97 -18.78 -27.21
N GLY A 88 10.10 -19.48 -27.33
CA GLY A 88 10.55 -19.93 -28.63
C GLY A 88 9.76 -21.10 -29.18
N LEU A 89 9.49 -22.10 -28.35
CA LEU A 89 8.73 -23.24 -28.80
C LEU A 89 7.36 -22.82 -29.33
N LEU A 90 6.66 -21.96 -28.61
CA LEU A 90 5.35 -21.50 -29.04
C LEU A 90 5.45 -20.74 -30.36
N GLN A 91 6.57 -20.08 -30.59
CA GLN A 91 6.74 -19.33 -31.83
C GLN A 91 6.94 -20.33 -32.98
N ALA A 92 7.66 -21.42 -32.70
CA ALA A 92 7.94 -22.44 -33.70
C ALA A 92 6.72 -23.12 -34.23
N LEU A 93 5.66 -23.12 -33.45
CA LEU A 93 4.41 -23.78 -33.84
C LEU A 93 3.70 -23.00 -34.94
N GLU A 94 4.32 -21.92 -35.40
CA GLU A 94 3.75 -21.09 -36.44
C GLU A 94 2.21 -20.94 -36.35
N GLY A 95 1.72 -20.65 -35.14
CA GLY A 95 0.30 -20.43 -34.90
C GLY A 95 -0.60 -21.65 -34.89
N ILE A 96 -0.01 -22.80 -35.20
CA ILE A 96 -0.72 -24.07 -35.27
C ILE A 96 -1.71 -24.06 -36.44
N SER A 97 -2.71 -23.18 -36.39
CA SER A 97 -3.68 -23.09 -37.48
C SER A 97 -4.53 -21.85 -37.26
N PRO A 98 -5.26 -21.43 -38.29
CA PRO A 98 -6.11 -20.24 -38.16
C PRO A 98 -7.04 -20.24 -36.95
N GLU A 99 -7.62 -21.39 -36.64
CA GLU A 99 -8.55 -21.52 -35.52
C GLU A 99 -7.84 -21.26 -34.20
N LEU A 100 -6.58 -21.67 -34.12
CA LEU A 100 -5.80 -21.51 -32.92
C LEU A 100 -4.85 -20.33 -32.82
N GLY A 101 -4.57 -19.70 -33.94
CA GLY A 101 -3.66 -18.57 -33.95
C GLY A 101 -3.90 -17.58 -32.84
N PRO A 102 -5.14 -17.12 -32.64
CA PRO A 102 -5.45 -16.16 -31.59
C PRO A 102 -5.15 -16.67 -30.21
N THR A 103 -5.69 -17.83 -29.88
CA THR A 103 -5.45 -18.37 -28.54
C THR A 103 -3.99 -18.56 -28.22
N LEU A 104 -3.23 -19.03 -29.20
CA LEU A 104 -1.82 -19.26 -28.99
C LEU A 104 -1.03 -17.97 -28.92
N ASP A 105 -1.44 -16.98 -29.72
CA ASP A 105 -0.76 -15.67 -29.71
C ASP A 105 -0.89 -15.05 -28.33
N THR A 106 -2.05 -15.18 -27.69
CA THR A 106 -2.21 -14.62 -26.36
C THR A 106 -1.21 -15.29 -25.46
N LEU A 107 -1.20 -16.62 -25.49
CA LEU A 107 -0.28 -17.35 -24.66
C LEU A 107 1.16 -16.93 -24.89
N GLN A 108 1.55 -16.74 -26.15
CA GLN A 108 2.95 -16.38 -26.42
C GLN A 108 3.39 -14.97 -26.05
N LEU A 109 2.49 -14.02 -26.15
CA LEU A 109 2.83 -12.66 -25.74
C LEU A 109 2.95 -12.66 -24.23
N ASP A 110 2.00 -13.29 -23.55
CA ASP A 110 2.06 -13.34 -22.10
C ASP A 110 3.32 -13.98 -21.59
N VAL A 111 3.80 -15.03 -22.28
CA VAL A 111 5.03 -15.71 -21.87
C VAL A 111 6.24 -14.86 -22.18
N ALA A 112 6.22 -14.18 -23.32
CA ALA A 112 7.34 -13.32 -23.68
C ALA A 112 7.54 -12.19 -22.66
N ASP A 113 6.47 -11.47 -22.33
CA ASP A 113 6.57 -10.37 -21.38
C ASP A 113 6.96 -10.83 -20.00
N PHE A 114 6.49 -11.99 -19.58
CA PHE A 114 6.87 -12.46 -18.27
C PHE A 114 8.36 -12.68 -18.31
N ALA A 115 8.87 -13.23 -19.40
CA ALA A 115 10.29 -13.47 -19.48
C ALA A 115 11.01 -12.12 -19.48
N THR A 116 10.50 -11.15 -20.23
CA THR A 116 11.12 -9.83 -20.32
C THR A 116 11.17 -9.14 -18.96
N THR A 117 10.04 -9.19 -18.29
CA THR A 117 9.83 -8.64 -16.98
C THR A 117 10.88 -9.13 -16.02
N ILE A 118 11.12 -10.43 -16.04
CA ILE A 118 12.11 -11.07 -15.18
C ILE A 118 13.52 -10.60 -15.54
N TRP A 119 13.77 -10.43 -16.82
CA TRP A 119 15.09 -9.98 -17.22
C TRP A 119 15.36 -8.59 -16.66
N GLN A 120 14.49 -7.65 -16.98
CA GLN A 120 14.65 -6.29 -16.54
C GLN A 120 14.77 -6.13 -15.05
N GLN A 121 14.13 -7.02 -14.29
CA GLN A 121 14.25 -6.94 -12.85
C GLN A 121 15.66 -7.35 -12.52
N MET A 122 16.14 -8.45 -13.10
CA MET A 122 17.50 -8.91 -12.85
C MET A 122 18.51 -7.81 -13.14
N GLU A 123 18.31 -7.07 -14.22
CA GLU A 123 19.20 -5.97 -14.56
C GLU A 123 19.18 -4.89 -13.46
N GLU A 124 17.98 -4.42 -13.13
CA GLU A 124 17.82 -3.39 -12.10
C GLU A 124 18.53 -3.72 -10.77
N LEU A 125 18.43 -4.96 -10.31
CA LEU A 125 19.07 -5.35 -9.06
C LEU A 125 20.53 -5.71 -9.23
N GLY A 126 20.99 -5.72 -10.48
CA GLY A 126 22.36 -6.06 -10.81
C GLY A 126 22.67 -7.56 -10.80
N MET A 127 21.93 -8.33 -11.60
CA MET A 127 22.12 -9.77 -11.68
C MET A 127 22.27 -10.30 -13.12
N ALA A 128 21.74 -9.55 -14.08
CA ALA A 128 21.76 -9.92 -15.49
C ALA A 128 23.08 -10.40 -16.03
N PRO A 129 23.19 -11.71 -16.35
CA PRO A 129 24.45 -12.23 -16.88
C PRO A 129 24.82 -11.56 -18.20
N ALA A 130 26.14 -11.47 -18.45
CA ALA A 130 26.64 -10.87 -19.69
C ALA A 130 26.13 -11.75 -20.82
N LEU A 131 25.99 -13.04 -20.52
CA LEU A 131 25.49 -14.02 -21.51
C LEU A 131 23.93 -14.10 -21.59
N GLN A 132 23.40 -13.55 -22.68
CA GLN A 132 21.97 -13.61 -22.92
C GLN A 132 21.74 -15.06 -23.28
N PRO A 133 20.65 -15.65 -22.79
CA PRO A 133 20.34 -17.05 -23.08
C PRO A 133 20.42 -17.36 -24.57
N THR A 134 21.44 -18.12 -24.93
CA THR A 134 21.62 -18.52 -26.32
C THR A 134 20.34 -19.30 -26.60
N GLN A 135 19.40 -18.65 -27.29
CA GLN A 135 18.11 -19.27 -27.61
C GLN A 135 18.26 -20.77 -27.85
N GLY A 136 17.48 -21.54 -27.10
CA GLY A 136 17.53 -23.00 -27.21
C GLY A 136 17.31 -23.51 -28.62
N ALA A 137 17.64 -24.78 -28.85
CA ALA A 137 17.49 -25.41 -30.16
C ALA A 137 16.00 -25.57 -30.48
N MET A 138 15.55 -24.92 -31.55
CA MET A 138 14.15 -24.98 -31.89
C MET A 138 13.72 -26.09 -32.82
N PRO A 139 12.70 -26.86 -32.38
CA PRO A 139 12.05 -28.01 -33.03
C PRO A 139 11.49 -27.67 -34.40
N ALA A 140 11.22 -28.72 -35.17
CA ALA A 140 10.73 -28.60 -36.52
C ALA A 140 9.24 -28.38 -36.75
N PHE A 141 8.41 -29.31 -36.29
CA PHE A 141 6.95 -29.25 -36.48
C PHE A 141 6.66 -29.07 -37.96
N ALA A 142 6.94 -30.14 -38.73
CA ALA A 142 6.79 -30.16 -40.19
C ALA A 142 5.38 -30.36 -40.79
N SER A 143 4.43 -30.84 -40.03
CA SER A 143 3.10 -31.04 -40.57
C SER A 143 2.04 -30.47 -39.66
N ALA A 144 0.81 -30.51 -40.13
CA ALA A 144 -0.29 -30.02 -39.35
C ALA A 144 -0.31 -30.77 -38.05
N PHE A 145 -0.26 -32.08 -38.16
CA PHE A 145 -0.29 -32.90 -36.99
C PHE A 145 0.86 -32.59 -36.06
N GLN A 146 2.06 -32.44 -36.62
CA GLN A 146 3.20 -32.16 -35.75
C GLN A 146 2.97 -30.86 -34.97
N ARG A 147 2.38 -29.87 -35.61
CA ARG A 147 2.11 -28.61 -34.95
C ARG A 147 1.03 -28.79 -33.88
N ARG A 148 0.00 -29.57 -34.18
CA ARG A 148 -1.11 -29.82 -33.24
C ARG A 148 -0.64 -30.61 -32.04
N ALA A 149 0.17 -31.62 -32.25
CA ALA A 149 0.67 -32.42 -31.15
C ALA A 149 1.66 -31.58 -30.38
N GLY A 150 2.60 -30.98 -31.12
CA GLY A 150 3.61 -30.13 -30.51
C GLY A 150 2.96 -29.14 -29.56
N GLY A 151 1.85 -28.57 -30.00
CA GLY A 151 1.13 -27.64 -29.17
C GLY A 151 0.70 -28.26 -27.87
N VAL A 152 0.10 -29.45 -27.94
CA VAL A 152 -0.35 -30.12 -26.75
C VAL A 152 0.80 -30.42 -25.80
N LEU A 153 1.94 -30.78 -26.38
CA LEU A 153 3.13 -31.09 -25.60
C LEU A 153 3.72 -29.85 -24.97
N VAL A 154 3.99 -28.84 -25.78
CA VAL A 154 4.56 -27.59 -25.29
C VAL A 154 3.68 -27.00 -24.19
N ALA A 155 2.39 -27.00 -24.41
CA ALA A 155 1.48 -26.50 -23.40
C ALA A 155 1.60 -27.32 -22.13
N SER A 156 1.76 -28.63 -22.29
CA SER A 156 1.86 -29.50 -21.14
C SER A 156 3.12 -29.25 -20.36
N HIS A 157 4.21 -28.96 -21.06
CA HIS A 157 5.50 -28.71 -20.42
C HIS A 157 5.51 -27.35 -19.76
N LEU A 158 4.93 -26.38 -20.44
CA LEU A 158 4.85 -25.03 -19.91
C LEU A 158 4.10 -25.13 -18.61
N GLN A 159 3.00 -25.87 -18.63
CA GLN A 159 2.17 -26.06 -17.46
C GLN A 159 2.95 -26.63 -16.28
N SER A 160 3.69 -27.71 -16.50
CA SER A 160 4.47 -28.30 -15.43
C SER A 160 5.50 -27.31 -14.90
N PHE A 161 6.13 -26.58 -15.82
CA PHE A 161 7.13 -25.60 -15.46
C PHE A 161 6.54 -24.51 -14.57
N LEU A 162 5.35 -24.06 -14.88
CA LEU A 162 4.72 -23.03 -14.09
C LEU A 162 4.19 -23.52 -12.74
N GLU A 163 3.85 -24.80 -12.61
CA GLU A 163 3.39 -25.29 -11.31
C GLU A 163 4.54 -25.23 -10.33
N VAL A 164 5.74 -25.61 -10.78
CA VAL A 164 6.93 -25.60 -9.91
C VAL A 164 7.28 -24.16 -9.61
N SER A 165 7.33 -23.33 -10.65
CA SER A 165 7.62 -21.90 -10.49
C SER A 165 6.69 -21.26 -9.45
N TYR A 166 5.41 -21.57 -9.54
CA TYR A 166 4.45 -21.05 -8.60
C TYR A 166 4.89 -21.38 -7.18
N ARG A 167 5.26 -22.63 -6.91
CA ARG A 167 5.70 -23.01 -5.56
C ARG A 167 6.96 -22.28 -5.15
N VAL A 168 7.93 -22.19 -6.06
CA VAL A 168 9.18 -21.49 -5.76
C VAL A 168 8.88 -20.03 -5.40
N LEU A 169 8.16 -19.33 -6.28
CA LEU A 169 7.83 -17.93 -6.03
C LEU A 169 6.97 -17.75 -4.77
N ARG A 170 5.94 -18.57 -4.60
CA ARG A 170 5.06 -18.47 -3.43
C ARG A 170 5.88 -18.49 -2.15
N HIS A 171 6.92 -19.31 -2.16
CA HIS A 171 7.81 -19.46 -1.03
C HIS A 171 8.61 -18.17 -0.81
N LEU A 172 9.29 -17.70 -1.84
CA LEU A 172 10.07 -16.47 -1.75
C LEU A 172 9.23 -15.30 -1.22
N ALA A 173 7.96 -15.26 -1.59
CA ALA A 173 7.06 -14.20 -1.15
C ALA A 173 6.91 -14.12 0.36
N GLN A 174 7.30 -15.16 1.07
CA GLN A 174 7.23 -15.12 2.52
C GLN A 174 8.53 -15.64 3.16
N PRO A 175 9.57 -14.78 3.23
CA PRO A 175 10.87 -15.11 3.82
C PRO A 175 11.04 -14.51 5.22
N ALA B 1 -10.82 33.70 -34.09
CA ALA B 1 -9.56 34.04 -33.37
C ALA B 1 -8.62 32.84 -33.35
N GLY B 2 -7.64 32.84 -32.44
CA GLY B 2 -6.71 31.74 -32.33
C GLY B 2 -5.75 31.87 -31.15
N TYR B 3 -5.65 30.83 -30.35
CA TYR B 3 -4.75 30.87 -29.21
C TYR B 3 -3.89 29.59 -29.25
N PRO B 4 -2.66 29.65 -28.71
CA PRO B 4 -1.82 28.47 -28.71
C PRO B 4 -2.30 27.54 -27.59
N PRO B 5 -2.10 26.21 -27.74
CA PRO B 5 -2.47 25.13 -26.82
C PRO B 5 -2.07 25.25 -25.37
N ALA B 6 -2.91 24.71 -24.50
CA ALA B 6 -2.66 24.71 -23.07
C ALA B 6 -2.17 23.32 -22.72
N SER B 7 -1.25 23.22 -21.77
CA SER B 7 -0.73 21.95 -21.34
C SER B 7 -1.85 21.16 -20.66
N PRO B 8 -2.21 19.99 -21.24
CA PRO B 8 -3.25 19.09 -20.78
C PRO B 8 -3.10 18.68 -19.32
N SER B 9 -4.24 18.43 -18.65
CA SER B 9 -4.22 18.05 -17.24
C SER B 9 -5.14 16.87 -16.96
N ASN B 10 -5.27 16.48 -15.68
CA ASN B 10 -6.09 15.35 -15.21
C ASN B 10 -5.97 14.16 -16.17
N LEU B 11 -4.73 13.82 -16.52
CA LEU B 11 -4.47 12.67 -17.40
C LEU B 11 -4.54 11.42 -16.54
N SER B 12 -5.34 10.44 -16.98
CA SER B 12 -5.50 9.19 -16.24
C SER B 12 -5.58 8.06 -17.25
N CYS B 13 -5.29 6.88 -16.77
CA CYS B 13 -5.36 5.74 -17.65
C CYS B 13 -5.94 4.61 -16.87
N LEU B 14 -6.64 3.74 -17.58
CA LEU B 14 -7.21 2.59 -16.96
C LEU B 14 -6.98 1.49 -17.95
N MET B 15 -6.68 0.30 -17.45
CA MET B 15 -6.44 -0.87 -18.26
C MET B 15 -7.76 -1.62 -18.41
N HIS B 16 -8.22 -1.78 -19.64
CA HIS B 16 -9.47 -2.47 -19.88
C HIS B 16 -9.23 -3.90 -20.27
N LEU B 17 -9.64 -4.83 -19.42
CA LEU B 17 -9.43 -6.25 -19.69
C LEU B 17 -10.35 -6.79 -20.77
N THR B 18 -11.46 -6.10 -20.98
CA THR B 18 -12.44 -6.47 -21.98
C THR B 18 -11.85 -6.30 -23.39
N THR B 19 -11.24 -5.13 -23.60
CA THR B 19 -10.65 -4.77 -24.87
C THR B 19 -9.14 -5.01 -24.89
N ASN B 20 -8.58 -5.25 -23.71
CA ASN B 20 -7.16 -5.51 -23.55
C ASN B 20 -6.36 -4.35 -24.16
N SER B 21 -6.58 -3.17 -23.60
CA SER B 21 -5.89 -1.97 -24.05
C SER B 21 -5.93 -0.94 -22.95
N LEU B 22 -4.89 -0.13 -22.89
CA LEU B 22 -4.77 0.93 -21.90
C LEU B 22 -5.44 2.15 -22.47
N VAL B 23 -6.44 2.64 -21.77
CA VAL B 23 -7.15 3.80 -22.24
C VAL B 23 -6.84 4.99 -21.38
N CYS B 24 -6.43 6.06 -22.04
CA CYS B 24 -6.07 7.27 -21.37
C CYS B 24 -6.92 8.43 -21.84
N GLN B 25 -7.33 9.26 -20.90
CA GLN B 25 -8.15 10.42 -21.20
C GLN B 25 -7.50 11.62 -20.50
N TRP B 26 -7.78 12.81 -21.01
CA TRP B 26 -7.21 14.03 -20.45
C TRP B 26 -8.15 15.22 -20.62
N GLU B 27 -7.73 16.38 -20.09
CA GLU B 27 -8.46 17.65 -20.15
C GLU B 27 -7.65 18.66 -20.98
N PRO B 28 -8.12 19.01 -22.19
CA PRO B 28 -7.42 19.96 -23.07
C PRO B 28 -7.48 21.46 -22.73
N GLY B 29 -8.38 21.85 -21.84
CA GLY B 29 -8.49 23.24 -21.48
C GLY B 29 -9.19 24.04 -22.55
N PRO B 30 -9.04 25.37 -22.51
CA PRO B 30 -9.61 26.38 -23.40
C PRO B 30 -9.60 26.06 -24.88
N GLU B 31 -10.72 26.29 -25.57
CA GLU B 31 -10.78 26.01 -27.00
C GLU B 31 -9.79 26.96 -27.64
N THR B 32 -9.16 26.53 -28.73
CA THR B 32 -8.16 27.32 -29.45
C THR B 32 -8.65 27.97 -30.74
N HIS B 33 -9.62 27.33 -31.39
CA HIS B 33 -10.25 27.79 -32.64
C HIS B 33 -9.49 27.40 -33.86
N LEU B 34 -8.38 26.73 -33.59
CA LEU B 34 -7.49 26.25 -34.62
C LEU B 34 -7.53 24.72 -34.69
N PRO B 35 -7.33 24.14 -35.90
CA PRO B 35 -7.33 22.69 -36.06
C PRO B 35 -6.15 22.25 -35.23
N THR B 36 -6.45 21.69 -34.08
CA THR B 36 -5.44 21.28 -33.12
C THR B 36 -5.32 19.74 -33.07
N SER B 37 -4.15 19.21 -32.72
CA SER B 37 -3.96 17.75 -32.67
C SER B 37 -3.34 17.29 -31.39
N PHE B 38 -3.83 16.16 -30.88
CA PHE B 38 -3.30 15.57 -29.64
C PHE B 38 -2.70 14.18 -29.90
N ILE B 39 -1.53 13.91 -29.32
CA ILE B 39 -0.89 12.63 -29.52
C ILE B 39 -0.45 12.11 -28.19
N LEU B 40 -0.94 10.91 -27.85
CA LEU B 40 -0.56 10.27 -26.60
C LEU B 40 0.79 9.64 -26.91
N LYS B 41 1.83 10.12 -26.23
CA LYS B 41 3.18 9.63 -26.43
C LYS B 41 3.63 8.86 -25.22
N SER B 42 4.48 7.87 -25.41
CA SER B 42 5.00 7.09 -24.29
C SER B 42 6.22 6.25 -24.63
N PHE B 43 6.89 5.80 -23.58
CA PHE B 43 8.06 4.94 -23.71
C PHE B 43 8.13 4.02 -22.50
N ARG B 44 8.63 2.80 -22.70
CA ARG B 44 8.78 1.87 -21.59
C ARG B 44 9.89 2.41 -20.69
N SER B 45 9.76 2.25 -19.39
CA SER B 45 10.76 2.76 -18.46
C SER B 45 10.91 1.75 -17.33
N ARG B 46 11.28 2.21 -16.13
CA ARG B 46 11.44 1.35 -14.96
C ARG B 46 10.75 2.15 -13.88
N ALA B 47 10.69 1.65 -12.64
CA ALA B 47 10.03 2.41 -11.58
C ALA B 47 10.62 3.82 -11.50
N ASP B 48 9.79 4.78 -11.08
CA ASP B 48 10.19 6.20 -10.94
C ASP B 48 10.37 6.87 -12.30
N CYS B 49 10.20 6.09 -13.36
CA CYS B 49 10.31 6.56 -14.74
C CYS B 49 11.53 7.40 -15.09
N GLN B 50 12.64 7.15 -14.41
CA GLN B 50 13.87 7.87 -14.70
C GLN B 50 14.48 7.22 -15.95
N TYR B 51 14.45 5.89 -15.98
CA TYR B 51 15.00 5.11 -17.08
C TYR B 51 14.28 5.33 -18.43
N GLN B 52 14.99 5.82 -19.43
CA GLN B 52 14.41 6.10 -20.76
C GLN B 52 14.46 4.90 -21.72
N GLY B 53 13.56 3.92 -21.52
CA GLY B 53 13.54 2.73 -22.38
C GLY B 53 12.95 2.93 -23.77
N ASP B 54 12.48 1.83 -24.37
CA ASP B 54 11.93 1.86 -25.72
C ASP B 54 10.67 2.67 -26.01
N THR B 55 10.61 3.22 -27.21
CA THR B 55 9.50 4.01 -27.64
C THR B 55 8.33 3.18 -28.09
N ILE B 56 7.18 3.50 -27.51
CA ILE B 56 5.93 2.83 -27.83
C ILE B 56 5.29 3.72 -28.88
N PRO B 57 4.75 3.13 -29.95
CA PRO B 57 4.10 3.84 -31.05
C PRO B 57 3.13 4.93 -30.57
N ASP B 58 3.26 6.13 -31.12
CA ASP B 58 2.41 7.25 -30.74
C ASP B 58 0.96 6.85 -30.98
N CYS B 59 0.06 7.34 -30.13
CA CYS B 59 -1.34 7.06 -30.30
C CYS B 59 -1.97 8.42 -30.61
N VAL B 60 -2.44 8.60 -31.84
CA VAL B 60 -3.05 9.87 -32.24
C VAL B 60 -4.56 9.89 -32.03
N ALA B 61 -5.04 10.96 -31.43
CA ALA B 61 -6.47 11.14 -31.11
C ALA B 61 -7.44 11.54 -32.24
N LYS B 62 -8.58 10.87 -32.32
CA LYS B 62 -9.60 11.19 -33.32
C LYS B 62 -10.03 12.61 -32.96
N LYS B 63 -10.56 13.34 -33.93
CA LYS B 63 -10.98 14.71 -33.69
C LYS B 63 -12.03 14.82 -32.57
N ARG B 64 -11.94 15.86 -31.76
CA ARG B 64 -12.90 16.08 -30.68
C ARG B 64 -12.93 14.99 -29.60
N GLN B 65 -12.21 13.90 -29.80
CA GLN B 65 -12.16 12.83 -28.81
C GLN B 65 -11.00 13.20 -27.91
N ASN B 66 -11.23 13.22 -26.60
CA ASN B 66 -10.18 13.58 -25.65
C ASN B 66 -9.61 12.36 -24.92
N ASN B 67 -9.37 11.30 -25.69
CA ASN B 67 -8.82 10.05 -25.18
C ASN B 67 -8.20 9.25 -26.33
N CYS B 68 -7.27 8.35 -26.01
CA CYS B 68 -6.62 7.46 -26.99
C CYS B 68 -6.41 6.14 -26.25
N SER B 69 -6.34 5.04 -27.01
CA SER B 69 -6.16 3.70 -26.46
C SER B 69 -4.89 3.06 -27.02
N ILE B 70 -4.08 2.50 -26.13
CA ILE B 70 -2.86 1.80 -26.54
C ILE B 70 -3.17 0.31 -26.46
N PRO B 71 -3.12 -0.39 -27.60
CA PRO B 71 -3.41 -1.81 -27.65
C PRO B 71 -2.33 -2.61 -26.95
N ARG B 72 -2.75 -3.71 -26.37
CA ARG B 72 -1.91 -4.64 -25.62
C ARG B 72 -0.65 -5.05 -26.35
N LYS B 73 -0.77 -5.18 -27.67
CA LYS B 73 0.37 -5.59 -28.46
C LYS B 73 1.50 -4.62 -28.32
N ASN B 74 1.18 -3.39 -27.92
CA ASN B 74 2.20 -2.34 -27.73
C ASN B 74 2.68 -2.12 -26.30
N LEU B 75 1.99 -2.74 -25.34
CA LEU B 75 2.32 -2.62 -23.93
C LEU B 75 3.16 -3.76 -23.42
N LEU B 76 3.99 -3.48 -22.43
CA LEU B 76 4.80 -4.50 -21.77
C LEU B 76 4.21 -4.48 -20.38
N LEU B 77 3.31 -5.40 -20.14
CA LEU B 77 2.67 -5.51 -18.87
C LEU B 77 3.68 -5.90 -17.80
N TYR B 78 3.45 -5.38 -16.60
CA TYR B 78 4.30 -5.59 -15.43
C TYR B 78 5.65 -4.90 -15.40
N GLN B 79 5.71 -3.74 -16.03
CA GLN B 79 6.89 -2.88 -16.06
C GLN B 79 6.30 -1.48 -16.22
N TYR B 80 6.93 -0.49 -15.59
CA TYR B 80 6.47 0.89 -15.66
C TYR B 80 6.66 1.52 -17.04
N MET B 81 5.88 2.54 -17.36
CA MET B 81 6.00 3.24 -18.63
C MET B 81 5.63 4.69 -18.40
N ALA B 82 6.25 5.58 -19.14
CA ALA B 82 6.01 7.01 -19.02
C ALA B 82 5.02 7.39 -20.09
N ILE B 83 3.98 8.11 -19.69
CA ILE B 83 2.94 8.53 -20.62
C ILE B 83 2.64 10.01 -20.43
N TRP B 84 2.50 10.70 -21.55
CA TRP B 84 2.18 12.13 -21.56
C TRP B 84 1.47 12.40 -22.86
N VAL B 85 0.70 13.49 -22.87
CA VAL B 85 -0.05 13.85 -24.05
C VAL B 85 0.50 15.18 -24.57
N GLN B 86 0.54 15.33 -25.89
CA GLN B 86 1.07 16.52 -26.54
C GLN B 86 0.07 17.21 -27.50
N ALA B 87 -0.15 18.50 -27.29
CA ALA B 87 -1.08 19.30 -28.12
C ALA B 87 -0.30 20.13 -29.13
N GLU B 88 -0.60 19.90 -30.40
CA GLU B 88 0.07 20.58 -31.50
C GLU B 88 -0.96 21.42 -32.24
N ASN B 89 -0.74 22.73 -32.17
CA ASN B 89 -1.61 23.71 -32.82
C ASN B 89 -0.74 24.51 -33.77
N MET B 90 -1.38 25.16 -34.73
CA MET B 90 -0.67 26.01 -35.69
C MET B 90 0.09 27.20 -35.04
N LEU B 91 -0.12 27.43 -33.74
CA LEU B 91 0.54 28.53 -33.02
C LEU B 91 1.33 28.08 -31.80
N GLY B 92 1.63 26.79 -31.69
CA GLY B 92 2.39 26.34 -30.53
C GLY B 92 2.17 24.88 -30.15
N SER B 93 2.87 24.47 -29.09
CA SER B 93 2.80 23.10 -28.58
C SER B 93 2.87 23.13 -27.06
N SER B 94 2.25 22.14 -26.43
CA SER B 94 2.23 22.00 -24.97
C SER B 94 2.28 20.51 -24.68
N GLU B 95 2.62 20.13 -23.45
CA GLU B 95 2.71 18.73 -23.05
C GLU B 95 2.23 18.59 -21.62
N SER B 96 1.70 17.45 -21.28
CA SER B 96 1.25 17.24 -19.91
C SER B 96 2.43 16.71 -19.11
N PRO B 97 2.37 16.84 -17.80
CA PRO B 97 3.50 16.30 -17.04
C PRO B 97 3.49 14.78 -17.26
N LYS B 98 4.62 14.12 -17.13
CA LYS B 98 4.66 12.70 -17.38
C LYS B 98 4.13 11.84 -16.25
N LEU B 99 3.30 10.90 -16.64
CA LEU B 99 2.69 9.97 -15.71
C LEU B 99 3.48 8.65 -15.76
N CYS B 100 3.60 7.99 -14.62
CA CYS B 100 4.37 6.78 -14.52
C CYS B 100 3.55 5.63 -13.95
N LEU B 101 3.21 4.68 -14.80
CA LEU B 101 2.44 3.53 -14.36
C LEU B 101 2.84 2.25 -15.03
N ASP B 102 2.29 1.18 -14.49
CA ASP B 102 2.47 -0.17 -15.00
C ASP B 102 1.02 -0.39 -15.37
N PRO B 103 0.73 -0.69 -16.64
CA PRO B 103 -0.66 -0.92 -17.07
C PRO B 103 -1.47 -1.76 -16.10
N MET B 104 -0.85 -2.80 -15.55
CA MET B 104 -1.53 -3.67 -14.63
C MET B 104 -1.88 -3.09 -13.27
N ASP B 105 -1.37 -1.90 -12.98
CA ASP B 105 -1.62 -1.22 -11.70
C ASP B 105 -2.89 -0.37 -11.75
N VAL B 106 -3.43 -0.20 -12.95
CA VAL B 106 -4.63 0.61 -13.13
C VAL B 106 -5.72 -0.16 -13.85
N VAL B 107 -5.81 -1.44 -13.56
CA VAL B 107 -6.81 -2.25 -14.19
C VAL B 107 -8.17 -1.85 -13.69
N LYS B 108 -9.13 -1.72 -14.62
CA LYS B 108 -10.51 -1.35 -14.29
C LYS B 108 -11.30 -2.60 -14.06
N LEU B 109 -11.68 -2.80 -12.81
CA LEU B 109 -12.42 -3.97 -12.38
C LEU B 109 -13.94 -3.76 -12.41
N GLU B 110 -14.66 -4.85 -12.66
CA GLU B 110 -16.11 -4.85 -12.66
C GLU B 110 -16.46 -5.76 -11.48
N PRO B 111 -17.57 -5.48 -10.81
CA PRO B 111 -18.03 -6.21 -9.63
C PRO B 111 -18.18 -7.72 -9.79
N PRO B 112 -18.06 -8.45 -8.67
CA PRO B 112 -18.18 -9.89 -8.64
C PRO B 112 -19.59 -10.41 -8.82
N MET B 113 -19.68 -11.66 -9.24
CA MET B 113 -20.94 -12.32 -9.52
C MET B 113 -21.40 -12.91 -8.22
N LEU B 114 -22.28 -12.19 -7.54
CA LEU B 114 -22.83 -12.60 -6.25
C LEU B 114 -24.24 -13.11 -6.48
N GLN B 115 -24.52 -14.30 -5.98
CA GLN B 115 -25.85 -14.86 -6.13
C GLN B 115 -26.28 -15.59 -4.87
N ALA B 116 -27.58 -15.68 -4.66
CA ALA B 116 -28.10 -16.38 -3.50
C ALA B 116 -28.07 -17.88 -3.75
N LEU B 117 -28.18 -18.66 -2.69
CA LEU B 117 -28.16 -20.11 -2.81
C LEU B 117 -29.47 -20.85 -2.58
N ASP B 118 -29.79 -21.67 -3.58
CA ASP B 118 -31.00 -22.51 -3.67
C ASP B 118 -30.82 -23.75 -2.77
N ILE B 119 -31.04 -23.55 -1.46
CA ILE B 119 -30.94 -24.63 -0.48
C ILE B 119 -32.29 -25.35 -0.40
N GLN B 127 -33.25 -23.62 11.72
CA GLN B 127 -32.63 -22.43 12.38
C GLN B 127 -33.17 -21.18 11.67
N PRO B 128 -33.53 -20.10 12.41
CA PRO B 128 -34.06 -18.88 11.80
C PRO B 128 -33.11 -17.68 11.62
N GLY B 129 -33.36 -16.92 10.55
CA GLY B 129 -32.57 -15.74 10.22
C GLY B 129 -31.27 -15.94 9.46
N CYS B 130 -31.23 -16.93 8.56
CA CYS B 130 -30.03 -17.28 7.77
C CYS B 130 -30.14 -17.10 6.25
N LEU B 131 -28.98 -16.99 5.60
CA LEU B 131 -28.86 -16.83 4.16
C LEU B 131 -27.60 -17.52 3.74
N TRP B 132 -27.59 -18.06 2.53
CA TRP B 132 -26.39 -18.71 2.02
C TRP B 132 -26.01 -17.99 0.75
N LEU B 133 -24.74 -17.65 0.60
CA LEU B 133 -24.25 -16.94 -0.58
C LEU B 133 -23.16 -17.69 -1.31
N SER B 134 -22.88 -17.22 -2.51
CA SER B 134 -21.86 -17.78 -3.37
C SER B 134 -21.38 -16.63 -4.22
N TRP B 135 -20.09 -16.57 -4.45
CA TRP B 135 -19.57 -15.54 -5.34
C TRP B 135 -18.33 -16.03 -6.04
N LYS B 136 -18.17 -15.56 -7.26
CA LYS B 136 -17.03 -15.88 -8.09
C LYS B 136 -16.64 -14.48 -8.57
N PRO B 137 -15.37 -14.28 -8.91
CA PRO B 137 -14.99 -12.96 -9.38
C PRO B 137 -15.33 -12.76 -10.86
N TRP B 138 -15.16 -11.53 -11.29
CA TRP B 138 -15.44 -11.14 -12.65
C TRP B 138 -14.47 -11.94 -13.49
N LYS B 139 -14.98 -12.84 -14.34
CA LYS B 139 -14.12 -13.74 -15.13
C LYS B 139 -12.84 -13.20 -15.80
N PRO B 140 -12.94 -12.09 -16.50
CA PRO B 140 -11.76 -11.56 -17.14
C PRO B 140 -10.63 -11.28 -16.14
N SER B 141 -10.95 -11.14 -14.87
CA SER B 141 -9.91 -10.85 -13.89
C SER B 141 -9.62 -12.00 -12.95
N GLU B 142 -10.13 -13.19 -13.25
CA GLU B 142 -9.93 -14.33 -12.37
C GLU B 142 -8.47 -14.67 -12.02
N TYR B 143 -7.51 -14.20 -12.83
CA TYR B 143 -6.11 -14.51 -12.57
C TYR B 143 -5.46 -13.62 -11.53
N MET B 144 -6.22 -12.62 -11.11
CA MET B 144 -5.79 -11.65 -10.14
C MET B 144 -6.28 -12.07 -8.74
N GLU B 145 -5.40 -12.06 -7.73
CA GLU B 145 -5.77 -12.46 -6.37
C GLU B 145 -6.51 -11.24 -5.87
N GLN B 146 -7.75 -11.41 -5.44
CA GLN B 146 -8.54 -10.29 -4.96
C GLN B 146 -9.02 -10.50 -3.54
N GLU B 147 -9.51 -9.40 -2.97
CA GLU B 147 -10.01 -9.31 -1.59
C GLU B 147 -11.34 -8.61 -1.78
N CYS B 148 -12.36 -9.08 -1.08
CA CYS B 148 -13.69 -8.49 -1.18
C CYS B 148 -14.33 -8.04 0.13
N GLU B 149 -15.21 -7.04 0.03
CA GLU B 149 -15.97 -6.51 1.15
C GLU B 149 -17.42 -6.83 0.78
N LEU B 150 -18.24 -7.27 1.74
CA LEU B 150 -19.66 -7.55 1.50
C LEU B 150 -20.41 -6.61 2.41
N ARG B 151 -21.48 -5.96 1.94
CA ARG B 151 -22.27 -5.10 2.82
C ARG B 151 -23.71 -5.58 2.80
N TYR B 152 -24.33 -5.63 3.97
CA TYR B 152 -25.71 -6.06 4.07
C TYR B 152 -26.51 -5.22 5.05
N GLN B 153 -27.77 -5.03 4.75
CA GLN B 153 -28.64 -4.24 5.60
C GLN B 153 -30.07 -4.75 5.49
N PRO B 154 -30.83 -4.64 6.59
CA PRO B 154 -32.21 -5.09 6.56
C PRO B 154 -32.96 -3.98 5.86
N GLN B 155 -33.98 -4.32 5.09
CA GLN B 155 -34.75 -3.28 4.41
C GLN B 155 -35.60 -2.55 5.44
N LEU B 156 -35.16 -1.36 5.88
CA LEU B 156 -35.89 -0.58 6.88
C LEU B 156 -35.77 0.95 6.83
N LYS B 157 -36.31 1.56 7.89
CA LYS B 157 -36.31 3.00 8.10
C LYS B 157 -34.86 3.42 8.28
N GLY B 158 -34.25 3.94 7.21
CA GLY B 158 -32.86 4.37 7.29
C GLY B 158 -31.98 3.29 7.88
N ALA B 159 -31.89 2.19 7.15
CA ALA B 159 -31.10 1.06 7.60
C ALA B 159 -29.63 1.43 7.58
N ASN B 160 -28.85 0.79 8.44
CA ASN B 160 -27.44 1.06 8.51
C ASN B 160 -26.67 -0.12 7.89
N TRP B 161 -25.68 0.18 7.05
CA TRP B 161 -24.88 -0.86 6.41
C TRP B 161 -23.98 -1.60 7.40
N THR B 162 -24.01 -2.92 7.36
CA THR B 162 -23.17 -3.74 8.22
C THR B 162 -22.12 -4.33 7.28
N LEU B 163 -20.84 -4.25 7.66
CA LEU B 163 -19.78 -4.77 6.83
C LEU B 163 -19.00 -5.96 7.27
N VAL B 164 -18.52 -6.68 6.27
CA VAL B 164 -17.69 -7.85 6.45
C VAL B 164 -16.47 -7.57 5.55
N PHE B 165 -15.29 -7.52 6.14
CA PHE B 165 -14.07 -7.21 5.41
C PHE B 165 -13.14 -8.38 5.14
N HIS B 166 -12.19 -8.15 4.23
CA HIS B 166 -11.18 -9.12 3.91
C HIS B 166 -11.71 -10.50 3.57
N LEU B 167 -12.71 -10.50 2.69
CA LEU B 167 -13.31 -11.73 2.22
C LEU B 167 -12.55 -12.24 1.01
N PRO B 168 -12.51 -13.57 0.81
CA PRO B 168 -11.83 -14.17 -0.33
C PRO B 168 -12.52 -13.83 -1.62
N SER B 169 -11.79 -14.02 -2.72
CA SER B 169 -12.27 -13.70 -4.04
C SER B 169 -13.45 -14.56 -4.49
N SER B 170 -13.55 -15.77 -3.94
CA SER B 170 -14.63 -16.68 -4.27
C SER B 170 -14.96 -17.57 -3.07
N LYS B 171 -16.23 -17.95 -2.97
CA LYS B 171 -16.76 -18.79 -1.90
C LYS B 171 -17.87 -19.64 -2.50
N ASP B 172 -17.80 -20.95 -2.27
CA ASP B 172 -18.81 -21.85 -2.80
C ASP B 172 -20.11 -21.67 -2.04
N GLN B 173 -20.01 -21.64 -0.71
CA GLN B 173 -21.18 -21.40 0.14
C GLN B 173 -20.65 -20.69 1.37
N PHE B 174 -21.28 -19.57 1.69
CA PHE B 174 -20.90 -18.73 2.82
C PHE B 174 -22.17 -18.46 3.57
N GLU B 175 -22.23 -18.95 4.80
CA GLU B 175 -23.41 -18.80 5.65
C GLU B 175 -23.36 -17.52 6.48
N LEU B 176 -24.38 -16.70 6.34
CA LEU B 176 -24.46 -15.45 7.06
C LEU B 176 -25.72 -15.57 7.90
N CYS B 177 -25.66 -15.51 9.23
CA CYS B 177 -26.87 -15.66 10.06
C CYS B 177 -27.08 -14.59 11.12
N GLY B 178 -28.15 -14.76 11.91
CA GLY B 178 -28.48 -13.81 12.96
C GLY B 178 -29.19 -12.57 12.42
N LEU B 179 -29.76 -12.74 11.23
CA LEU B 179 -30.47 -11.68 10.53
C LEU B 179 -31.94 -11.64 10.89
N HIS B 180 -32.25 -10.97 12.02
CA HIS B 180 -33.62 -10.90 12.55
C HIS B 180 -34.34 -9.57 12.47
N GLN B 181 -33.73 -8.54 11.91
CA GLN B 181 -34.37 -7.24 11.86
C GLN B 181 -35.45 -7.02 10.80
N ALA B 182 -35.56 -7.92 9.83
CA ALA B 182 -36.57 -7.73 8.79
C ALA B 182 -36.72 -8.95 7.91
N PRO B 183 -37.80 -9.00 7.12
CA PRO B 183 -38.06 -10.12 6.23
C PRO B 183 -37.19 -10.09 4.97
N VAL B 184 -36.58 -8.94 4.70
CA VAL B 184 -35.74 -8.82 3.50
C VAL B 184 -34.50 -7.99 3.79
N TYR B 185 -33.37 -8.47 3.29
CA TYR B 185 -32.10 -7.82 3.42
C TYR B 185 -31.53 -7.55 2.02
N THR B 186 -30.72 -6.50 1.88
CA THR B 186 -30.08 -6.20 0.61
C THR B 186 -28.59 -6.49 0.80
N LEU B 187 -27.97 -7.13 -0.17
CA LEU B 187 -26.55 -7.43 -0.06
C LEU B 187 -25.85 -7.03 -1.34
N GLN B 188 -24.60 -6.62 -1.20
CA GLN B 188 -23.77 -6.19 -2.32
C GLN B 188 -22.36 -6.56 -1.96
N MET B 189 -21.51 -6.64 -2.97
CA MET B 189 -20.14 -7.01 -2.76
C MET B 189 -19.30 -6.31 -3.82
N ARG B 190 -18.07 -5.93 -3.45
CA ARG B 190 -17.12 -5.25 -4.37
C ARG B 190 -15.76 -5.86 -4.09
N CYS B 191 -14.86 -5.81 -5.05
CA CYS B 191 -13.55 -6.40 -4.85
C CYS B 191 -12.45 -5.49 -5.30
N ILE B 192 -11.24 -5.82 -4.87
CA ILE B 192 -10.05 -5.06 -5.22
C ILE B 192 -8.85 -6.00 -5.33
N ARG B 193 -7.84 -5.56 -6.07
CA ARG B 193 -6.63 -6.35 -6.26
C ARG B 193 -5.94 -6.49 -4.94
N SER B 194 -5.52 -7.70 -4.63
CA SER B 194 -4.90 -7.97 -3.34
C SER B 194 -3.41 -7.71 -3.34
N SER B 195 -2.96 -6.91 -2.37
CA SER B 195 -1.55 -6.59 -2.15
C SER B 195 -0.81 -5.77 -3.19
N LEU B 196 -1.49 -5.37 -4.24
CA LEU B 196 -0.85 -4.58 -5.27
C LEU B 196 -1.76 -3.42 -5.60
N PRO B 197 -1.27 -2.49 -6.38
CA PRO B 197 -2.06 -1.33 -6.77
C PRO B 197 -3.31 -1.62 -7.61
N GLY B 198 -4.43 -1.01 -7.21
CA GLY B 198 -5.67 -1.19 -7.94
C GLY B 198 -6.79 -0.42 -7.28
N PHE B 199 -7.81 -0.09 -8.06
CA PHE B 199 -8.95 0.64 -7.53
C PHE B 199 -10.02 -0.37 -7.12
N TRP B 200 -10.96 0.02 -6.28
CA TRP B 200 -12.02 -0.89 -5.90
C TRP B 200 -12.95 -1.00 -7.08
N SER B 201 -13.66 -2.11 -7.16
CA SER B 201 -14.63 -2.28 -8.22
C SER B 201 -15.92 -1.60 -7.74
N PRO B 202 -16.91 -1.45 -8.61
CA PRO B 202 -18.13 -0.81 -8.12
C PRO B 202 -18.84 -1.85 -7.28
N TRP B 203 -19.79 -1.46 -6.46
CA TRP B 203 -20.49 -2.48 -5.68
C TRP B 203 -21.43 -3.17 -6.67
N SER B 204 -21.55 -4.48 -6.53
CA SER B 204 -22.45 -5.26 -7.36
C SER B 204 -23.89 -4.80 -7.14
N PRO B 205 -24.78 -5.03 -8.11
CA PRO B 205 -26.19 -4.64 -7.98
C PRO B 205 -26.83 -5.35 -6.78
N GLY B 206 -27.57 -4.59 -6.00
CA GLY B 206 -28.18 -5.13 -4.80
C GLY B 206 -28.97 -6.40 -4.94
N LEU B 207 -28.68 -7.36 -4.07
CA LEU B 207 -29.39 -8.62 -4.06
C LEU B 207 -30.35 -8.39 -2.93
N GLN B 208 -31.60 -8.76 -3.13
CA GLN B 208 -32.63 -8.64 -2.12
C GLN B 208 -33.03 -10.06 -1.80
N LEU B 209 -32.56 -10.55 -0.66
CA LEU B 209 -32.80 -11.93 -0.24
C LEU B 209 -33.60 -12.02 1.04
N ARG B 210 -34.43 -13.04 1.14
CA ARG B 210 -35.24 -13.22 2.32
C ARG B 210 -34.53 -14.24 3.18
N PRO B 211 -34.30 -13.89 4.46
CA PRO B 211 -33.63 -14.81 5.36
C PRO B 211 -34.64 -15.92 5.67
N THR B 212 -34.29 -16.84 6.54
CA THR B 212 -35.18 -17.92 6.86
C THR B 212 -36.27 -17.50 7.85
N MET B 213 -37.39 -18.24 7.77
CA MET B 213 -38.61 -18.06 8.58
C MET B 213 -39.57 -17.07 7.92
N ALA C 7 -10.84 -12.67 7.29
CA ALA C 7 -12.07 -11.84 7.20
C ALA C 7 -12.44 -11.35 8.60
N SER C 8 -12.75 -10.07 8.71
CA SER C 8 -13.08 -9.49 9.99
C SER C 8 -14.17 -8.43 9.87
N SER C 9 -14.65 -7.98 11.02
CA SER C 9 -15.68 -6.96 11.12
C SER C 9 -15.01 -5.60 11.12
N LEU C 10 -13.68 -5.60 11.23
CA LEU C 10 -12.85 -4.42 11.28
C LEU C 10 -11.84 -4.38 10.14
N PRO C 11 -11.65 -3.21 9.53
CA PRO C 11 -10.72 -2.99 8.41
C PRO C 11 -9.29 -2.93 8.93
N GLN C 12 -8.42 -3.75 8.38
CA GLN C 12 -7.03 -3.81 8.83
C GLN C 12 -6.36 -2.43 9.09
N SER C 13 -6.56 -1.47 8.19
CA SER C 13 -5.94 -0.17 8.37
C SER C 13 -6.30 0.48 9.70
N PHE C 14 -7.48 0.19 10.21
CA PHE C 14 -7.90 0.75 11.46
C PHE C 14 -7.11 0.10 12.58
N LEU C 15 -7.06 -1.22 12.55
CA LEU C 15 -6.34 -1.95 13.58
C LEU C 15 -4.87 -1.60 13.62
N LEU C 16 -4.31 -1.33 12.44
CA LEU C 16 -2.90 -1.00 12.36
C LEU C 16 -2.63 0.36 12.91
N LYS C 17 -3.56 1.29 12.70
CA LYS C 17 -3.41 2.62 13.28
C LYS C 17 -3.62 2.54 14.80
N CYS C 18 -4.50 1.66 15.25
CA CYS C 18 -4.72 1.50 16.68
C CYS C 18 -3.42 1.08 17.35
N LEU C 19 -2.74 0.10 16.77
CA LEU C 19 -1.47 -0.42 17.31
C LEU C 19 -0.37 0.60 17.35
N GLU C 20 -0.42 1.54 16.43
CA GLU C 20 0.58 2.57 16.39
C GLU C 20 0.27 3.60 17.47
N GLN C 21 -1.00 3.89 17.71
CA GLN C 21 -1.36 4.86 18.71
C GLN C 21 -1.02 4.28 20.08
N VAL C 22 -1.20 3.00 20.26
CA VAL C 22 -0.85 2.40 21.52
C VAL C 22 0.63 2.63 21.74
N ARG C 23 1.45 2.30 20.76
CA ARG C 23 2.89 2.50 20.93
C ARG C 23 3.25 3.97 21.17
N LYS C 24 2.67 4.89 20.40
CA LYS C 24 2.97 6.30 20.54
C LYS C 24 2.68 6.68 21.96
N ILE C 25 1.55 6.23 22.47
CA ILE C 25 1.15 6.53 23.83
C ILE C 25 2.00 5.85 24.89
N GLN C 26 2.49 4.66 24.61
CA GLN C 26 3.35 4.00 25.56
C GLN C 26 4.68 4.72 25.62
N GLY C 27 5.04 5.42 24.55
CA GLY C 27 6.31 6.13 24.56
C GLY C 27 6.11 7.45 25.26
N ASP C 28 4.90 8.00 25.19
CA ASP C 28 4.60 9.26 25.85
C ASP C 28 4.58 9.07 27.37
N GLY C 29 4.02 7.95 27.82
CA GLY C 29 3.97 7.66 29.23
C GLY C 29 5.36 7.41 29.78
N ALA C 30 6.24 6.81 29.00
CA ALA C 30 7.60 6.56 29.45
C ALA C 30 8.29 7.87 29.62
N ALA C 31 8.09 8.77 28.67
CA ALA C 31 8.68 10.09 28.73
C ALA C 31 8.25 10.71 30.06
N LEU C 32 6.95 10.61 30.35
CA LEU C 32 6.35 11.15 31.58
C LEU C 32 7.01 10.53 32.82
N GLN C 33 7.02 9.22 32.88
CA GLN C 33 7.64 8.57 34.00
C GLN C 33 9.13 8.90 34.10
N GLU C 34 9.78 9.16 32.97
CA GLU C 34 11.20 9.47 33.06
C GLU C 34 11.29 10.84 33.72
N LYS C 35 10.52 11.79 33.21
CA LYS C 35 10.53 13.15 33.73
C LYS C 35 10.27 13.17 35.26
N LEU C 36 9.26 12.45 35.73
CA LEU C 36 8.95 12.41 37.15
C LEU C 36 10.05 11.79 37.95
N CYS C 37 10.77 10.87 37.36
CA CYS C 37 11.86 10.24 38.08
C CYS C 37 13.06 11.17 38.09
N ALA C 38 13.27 11.89 36.99
CA ALA C 38 14.40 12.80 36.89
C ALA C 38 14.24 14.04 37.74
N THR C 39 13.07 14.64 37.61
CA THR C 39 12.67 15.86 38.29
C THR C 39 12.33 15.76 39.80
N TYR C 40 11.83 14.62 40.26
CA TYR C 40 11.44 14.47 41.66
C TYR C 40 11.82 13.15 42.26
N LYS C 41 12.88 12.53 41.77
CA LYS C 41 13.34 11.23 42.26
C LYS C 41 12.25 10.21 42.66
N LEU C 42 11.08 10.33 42.00
CA LEU C 42 9.92 9.44 42.17
C LEU C 42 10.07 8.41 41.02
N CYS C 43 10.82 7.35 41.27
CA CYS C 43 11.12 6.36 40.24
C CYS C 43 10.51 4.98 40.22
N HIS C 44 9.98 4.53 41.34
CA HIS C 44 9.42 3.19 41.38
C HIS C 44 7.98 3.22 41.81
N PRO C 45 7.05 3.10 40.86
CA PRO C 45 5.62 3.11 41.17
C PRO C 45 5.22 2.11 42.26
N GLU C 46 5.98 1.03 42.38
CA GLU C 46 5.71 0.00 43.37
C GLU C 46 5.67 0.62 44.77
N GLU C 47 6.54 1.59 44.99
CA GLU C 47 6.64 2.29 46.28
C GLU C 47 5.41 3.12 46.61
N LEU C 48 4.67 3.51 45.59
CA LEU C 48 3.47 4.32 45.79
C LEU C 48 2.19 3.50 45.71
N VAL C 49 2.32 2.20 45.42
CA VAL C 49 1.18 1.30 45.29
C VAL C 49 0.03 1.62 46.23
N LEU C 50 0.34 1.73 47.52
CA LEU C 50 -0.67 2.00 48.54
C LEU C 50 -1.53 3.25 48.39
N LEU C 51 -1.00 4.26 47.71
CA LEU C 51 -1.73 5.50 47.50
C LEU C 51 -2.87 5.43 46.47
N GLY C 52 -2.92 4.35 45.68
CA GLY C 52 -3.98 4.18 44.69
C GLY C 52 -5.31 4.17 45.41
N HIS C 53 -5.19 3.88 46.71
CA HIS C 53 -6.31 3.84 47.65
C HIS C 53 -6.62 5.27 48.12
N SER C 54 -5.66 5.89 48.81
CA SER C 54 -5.84 7.23 49.34
C SER C 54 -6.35 8.26 48.34
N LEU C 55 -5.81 8.20 47.13
CA LEU C 55 -6.18 9.13 46.08
C LEU C 55 -7.35 8.69 45.24
N GLY C 56 -7.76 7.44 45.38
CA GLY C 56 -8.87 6.94 44.60
C GLY C 56 -8.60 6.87 43.11
N ILE C 57 -7.54 6.15 42.75
CA ILE C 57 -7.18 5.98 41.36
C ILE C 57 -7.53 4.55 40.97
N PRO C 58 -8.52 4.45 40.08
CA PRO C 58 -9.03 3.19 39.55
C PRO C 58 -8.15 2.57 38.51
N TRP C 59 -8.41 1.29 38.29
CA TRP C 59 -7.73 0.48 37.28
C TRP C 59 -8.81 0.37 36.16
N ALA C 60 -8.43 0.70 34.93
CA ALA C 60 -9.38 0.60 33.83
C ALA C 60 -9.54 -0.87 33.59
N PRO C 61 -10.79 -1.33 33.54
CA PRO C 61 -11.11 -2.74 33.31
C PRO C 61 -11.10 -3.15 31.84
N LEU C 62 -10.60 -4.35 31.57
CA LEU C 62 -10.57 -4.91 30.23
C LEU C 62 -10.95 -6.38 30.43
N SER C 63 -12.27 -6.57 30.60
CA SER C 63 -12.91 -7.87 30.85
C SER C 63 -12.65 -8.90 29.74
N SER C 64 -11.41 -9.39 29.67
CA SER C 64 -10.99 -10.37 28.67
C SER C 64 -11.76 -10.13 27.37
N CYS C 65 -11.31 -9.19 26.54
CA CYS C 65 -12.09 -8.96 25.32
C CYS C 65 -11.70 -9.62 24.00
N PRO C 66 -11.29 -10.92 24.02
CA PRO C 66 -10.96 -11.54 22.74
C PRO C 66 -12.18 -11.58 21.80
N SER C 67 -13.33 -11.93 22.36
CA SER C 67 -14.61 -11.97 21.64
C SER C 67 -15.63 -12.36 22.71
N GLN C 68 -16.59 -11.45 22.91
CA GLN C 68 -17.64 -11.59 23.91
C GLN C 68 -19.09 -11.76 23.30
N ALA C 69 -20.11 -11.34 24.08
CA ALA C 69 -21.50 -11.41 23.63
C ALA C 69 -21.58 -10.60 22.33
N LEU C 70 -20.51 -9.84 22.08
CA LEU C 70 -20.37 -9.01 20.88
C LEU C 70 -19.20 -9.49 19.95
N GLN C 71 -19.51 -9.68 18.65
CA GLN C 71 -18.50 -10.06 17.63
C GLN C 71 -17.64 -8.78 17.32
N LEU C 72 -17.02 -8.24 18.38
CA LEU C 72 -16.17 -7.04 18.42
C LEU C 72 -16.79 -5.70 18.88
N ALA C 73 -18.11 -5.54 18.68
CA ALA C 73 -18.84 -4.34 19.08
C ALA C 73 -18.43 -3.93 20.48
N GLY C 74 -18.30 -4.94 21.35
CA GLY C 74 -17.93 -4.74 22.75
C GLY C 74 -16.47 -4.55 23.14
N CYS C 75 -15.55 -5.35 22.60
CA CYS C 75 -14.14 -5.20 22.95
C CYS C 75 -13.67 -3.78 22.68
N LEU C 76 -14.03 -3.23 21.53
CA LEU C 76 -13.67 -1.87 21.23
C LEU C 76 -14.34 -0.99 22.26
N SER C 77 -15.58 -1.29 22.60
CA SER C 77 -16.31 -0.50 23.57
C SER C 77 -15.49 -0.33 24.87
N GLN C 78 -14.85 -1.41 25.31
CA GLN C 78 -14.04 -1.38 26.54
C GLN C 78 -12.75 -0.61 26.37
N LEU C 79 -12.09 -0.85 25.26
CA LEU C 79 -10.86 -0.15 24.96
C LEU C 79 -11.18 1.33 25.03
N HIS C 80 -12.29 1.73 24.41
CA HIS C 80 -12.66 3.13 24.45
C HIS C 80 -12.95 3.63 25.85
N SER C 81 -13.70 2.86 26.66
CA SER C 81 -14.01 3.29 28.04
C SER C 81 -12.75 3.51 28.85
N GLY C 82 -11.82 2.59 28.74
CA GLY C 82 -10.56 2.70 29.45
C GLY C 82 -9.86 3.97 29.05
N LEU C 83 -9.53 4.11 27.77
CA LEU C 83 -8.83 5.29 27.26
C LEU C 83 -9.54 6.55 27.70
N PHE C 84 -10.85 6.45 27.72
CA PHE C 84 -11.66 7.59 28.10
C PHE C 84 -11.44 7.97 29.55
N LEU C 85 -11.29 6.95 30.38
CA LEU C 85 -11.06 7.13 31.80
C LEU C 85 -9.70 7.76 32.07
N TYR C 86 -8.66 7.21 31.46
CA TYR C 86 -7.33 7.74 31.66
C TYR C 86 -7.28 9.14 31.09
N GLN C 87 -8.13 9.41 30.10
CA GLN C 87 -8.17 10.73 29.50
C GLN C 87 -8.57 11.69 30.59
N GLY C 88 -9.47 11.24 31.44
CA GLY C 88 -9.96 12.04 32.53
C GLY C 88 -9.00 12.12 33.69
N LEU C 89 -8.49 10.98 34.12
CA LEU C 89 -7.54 10.98 35.20
C LEU C 89 -6.40 11.92 34.87
N LEU C 90 -5.84 11.83 33.67
CA LEU C 90 -4.74 12.70 33.28
C LEU C 90 -5.16 14.17 33.32
N GLN C 91 -6.43 14.45 33.08
CA GLN C 91 -6.89 15.85 33.11
C GLN C 91 -6.99 16.36 34.54
N ALA C 92 -7.32 15.46 35.46
CA ALA C 92 -7.46 15.79 36.88
C ALA C 92 -6.14 16.18 37.54
N LEU C 93 -5.04 15.71 36.96
CA LEU C 93 -3.71 16.01 37.47
C LEU C 93 -3.34 17.44 37.19
N GLU C 94 -4.29 18.20 36.67
CA GLU C 94 -4.12 19.61 36.34
C GLU C 94 -2.68 20.01 35.98
N GLY C 95 -2.07 19.24 35.08
CA GLY C 95 -0.72 19.51 34.61
C GLY C 95 0.45 19.07 35.48
N ILE C 96 0.14 18.68 36.71
CA ILE C 96 1.14 18.27 37.71
C ILE C 96 1.98 19.46 38.22
N SER C 97 2.72 20.12 37.33
CA SER C 97 3.51 21.27 37.68
C SER C 97 4.07 21.82 36.40
N PRO C 98 4.52 23.07 36.42
CA PRO C 98 5.09 23.71 35.23
C PRO C 98 6.18 22.92 34.52
N GLU C 99 7.02 22.21 35.27
CA GLU C 99 8.08 21.42 34.66
C GLU C 99 7.51 20.26 33.83
N LEU C 100 6.38 19.72 34.28
CA LEU C 100 5.77 18.58 33.62
C LEU C 100 4.61 18.81 32.67
N GLY C 101 3.95 19.95 32.80
CA GLY C 101 2.83 20.28 31.95
C GLY C 101 2.99 19.87 30.50
N PRO C 102 4.11 20.21 29.85
CA PRO C 102 4.34 19.86 28.46
C PRO C 102 4.30 18.36 28.24
N THR C 103 5.14 17.64 28.96
CA THR C 103 5.18 16.20 28.82
C THR C 103 3.83 15.51 29.07
N LEU C 104 3.08 16.00 30.04
CA LEU C 104 1.80 15.40 30.33
C LEU C 104 0.78 15.77 29.26
N ASP C 105 0.79 17.01 28.80
CA ASP C 105 -0.14 17.45 27.78
C ASP C 105 -0.01 16.59 26.53
N THR C 106 1.22 16.21 26.20
CA THR C 106 1.41 15.37 25.04
C THR C 106 0.72 14.06 25.28
N LEU C 107 1.00 13.42 26.40
CA LEU C 107 0.38 12.16 26.72
C LEU C 107 -1.13 12.25 26.70
N GLN C 108 -1.68 13.32 27.24
CA GLN C 108 -3.13 13.54 27.33
C GLN C 108 -3.76 13.68 25.92
N LEU C 109 -3.18 14.50 25.06
CA LEU C 109 -3.72 14.68 23.72
C LEU C 109 -3.71 13.37 22.95
N ASP C 110 -2.58 12.66 23.01
CA ASP C 110 -2.45 11.39 22.33
C ASP C 110 -3.49 10.38 22.83
N VAL C 111 -3.84 10.44 24.10
CA VAL C 111 -4.85 9.53 24.63
C VAL C 111 -6.23 9.96 24.19
N ALA C 112 -6.47 11.26 24.19
CA ALA C 112 -7.76 11.77 23.78
C ALA C 112 -8.09 11.36 22.35
N ASP C 113 -7.14 11.57 21.45
CA ASP C 113 -7.32 11.26 20.04
C ASP C 113 -7.53 9.78 19.80
N PHE C 114 -6.79 8.95 20.51
CA PHE C 114 -6.93 7.53 20.34
C PHE C 114 -8.33 7.12 20.74
N ALA C 115 -8.83 7.71 21.81
CA ALA C 115 -10.18 7.40 22.24
C ALA C 115 -11.16 7.87 21.18
N THR C 116 -10.96 9.07 20.65
CA THR C 116 -11.81 9.65 19.61
C THR C 116 -11.85 8.78 18.35
N THR C 117 -10.68 8.48 17.85
CA THR C 117 -10.46 7.61 16.70
C THR C 117 -11.27 6.31 16.85
N ILE C 118 -11.20 5.68 18.01
CA ILE C 118 -11.92 4.41 18.24
C ILE C 118 -13.41 4.64 18.21
N TRP C 119 -13.85 5.73 18.80
CA TRP C 119 -15.26 6.05 18.84
C TRP C 119 -15.80 6.19 17.44
N GLN C 120 -15.16 7.05 16.65
CA GLN C 120 -15.58 7.30 15.27
C GLN C 120 -15.57 6.06 14.41
N GLN C 121 -14.67 5.13 14.65
CA GLN C 121 -14.63 3.90 13.87
C GLN C 121 -15.85 3.12 14.23
N MET C 122 -16.11 3.02 15.54
CA MET C 122 -17.27 2.30 16.02
C MET C 122 -18.55 2.87 15.41
N GLU C 123 -18.65 4.19 15.29
CA GLU C 123 -19.85 4.77 14.70
C GLU C 123 -19.97 4.35 13.24
N GLU C 124 -18.89 4.51 12.48
CA GLU C 124 -18.84 4.18 11.06
C GLU C 124 -19.35 2.74 10.82
N LEU C 125 -19.03 1.84 11.74
CA LEU C 125 -19.46 0.45 11.61
C LEU C 125 -20.78 0.12 12.29
N GLY C 126 -21.35 1.08 12.99
CA GLY C 126 -22.57 0.82 13.71
C GLY C 126 -22.33 -0.10 14.88
N MET C 127 -21.15 0.00 15.49
CA MET C 127 -20.80 -0.83 16.64
C MET C 127 -20.73 -0.03 17.93
N ALA C 128 -20.97 1.29 17.82
CA ALA C 128 -20.89 2.19 18.97
C ALA C 128 -21.89 1.83 20.06
N PRO C 129 -21.46 1.86 21.34
CA PRO C 129 -22.35 1.54 22.44
C PRO C 129 -23.55 2.47 22.37
N ALA C 130 -24.71 1.97 22.80
CA ALA C 130 -25.94 2.76 22.78
C ALA C 130 -25.95 3.83 23.85
N LEU C 131 -25.27 3.57 24.97
CA LEU C 131 -25.21 4.54 26.06
C LEU C 131 -23.84 5.23 26.02
N GLN C 132 -23.84 6.50 25.62
CA GLN C 132 -22.62 7.31 25.51
C GLN C 132 -22.07 7.54 26.92
N PRO C 133 -20.75 7.45 27.07
CA PRO C 133 -20.02 7.63 28.33
C PRO C 133 -20.14 8.97 29.03
N THR C 134 -20.52 8.92 30.29
CA THR C 134 -20.64 10.10 31.15
C THR C 134 -19.46 9.91 32.08
N GLN C 135 -18.64 10.93 32.21
CA GLN C 135 -17.46 10.84 33.05
C GLN C 135 -17.81 10.45 34.47
N GLY C 136 -17.02 9.54 35.02
CA GLY C 136 -17.24 9.08 36.38
C GLY C 136 -16.71 10.06 37.42
N ALA C 137 -16.76 9.62 38.67
CA ALA C 137 -16.28 10.43 39.79
C ALA C 137 -14.77 10.53 39.66
N MET C 138 -14.32 11.74 39.36
CA MET C 138 -12.90 11.95 39.18
C MET C 138 -12.14 12.28 40.47
N PRO C 139 -11.17 11.42 40.84
CA PRO C 139 -10.36 11.61 42.05
C PRO C 139 -9.69 12.96 42.01
N ALA C 140 -9.67 13.64 43.15
CA ALA C 140 -9.06 14.96 43.23
C ALA C 140 -7.62 14.84 43.68
N PHE C 141 -6.79 15.63 43.03
CA PHE C 141 -5.38 15.62 43.33
C PHE C 141 -5.10 17.00 43.89
N ALA C 142 -5.42 17.15 45.17
CA ALA C 142 -5.31 18.39 45.93
C ALA C 142 -3.96 19.05 45.96
N SER C 143 -3.00 18.34 46.51
CA SER C 143 -1.66 18.87 46.68
C SER C 143 -0.68 18.52 45.59
N ALA C 144 0.42 19.27 45.54
CA ALA C 144 1.48 19.02 44.59
C ALA C 144 1.91 17.55 44.64
N PHE C 145 2.17 17.03 45.83
CA PHE C 145 2.59 15.66 45.91
C PHE C 145 1.52 14.72 45.38
N GLN C 146 0.26 14.98 45.67
CA GLN C 146 -0.79 14.11 45.17
C GLN C 146 -0.80 14.09 43.65
N ARG C 147 -0.56 15.25 43.03
CA ARG C 147 -0.50 15.34 41.57
C ARG C 147 0.73 14.59 41.02
N ARG C 148 1.86 14.67 41.70
CA ARG C 148 3.08 13.99 41.27
C ARG C 148 2.94 12.50 41.44
N ALA C 149 2.51 12.04 42.59
CA ALA C 149 2.33 10.60 42.76
C ALA C 149 1.21 10.11 41.85
N GLY C 150 0.13 10.89 41.75
CA GLY C 150 -0.98 10.51 40.89
C GLY C 150 -0.50 10.26 39.46
N GLY C 151 0.40 11.14 39.02
CA GLY C 151 0.96 11.01 37.69
C GLY C 151 1.64 9.68 37.54
N VAL C 152 2.52 9.36 38.46
CA VAL C 152 3.23 8.09 38.37
C VAL C 152 2.28 6.92 38.31
N LEU C 153 1.23 7.00 39.09
CA LEU C 153 0.25 5.93 39.15
C LEU C 153 -0.61 5.81 37.91
N VAL C 154 -1.20 6.91 37.49
CA VAL C 154 -2.02 6.89 36.30
C VAL C 154 -1.18 6.42 35.12
N ALA C 155 0.04 6.89 35.06
CA ALA C 155 0.94 6.51 33.99
C ALA C 155 1.18 5.03 34.08
N SER C 156 1.26 4.51 35.28
CA SER C 156 1.53 3.10 35.44
C SER C 156 0.34 2.24 35.08
N HIS C 157 -0.86 2.74 35.33
CA HIS C 157 -2.09 2.01 35.02
C HIS C 157 -2.35 2.05 33.52
N LEU C 158 -2.17 3.22 32.93
CA LEU C 158 -2.36 3.40 31.52
C LEU C 158 -1.46 2.43 30.85
N GLN C 159 -0.24 2.31 31.36
CA GLN C 159 0.76 1.43 30.76
C GLN C 159 0.36 -0.02 30.75
N SER C 160 -0.21 -0.48 31.85
CA SER C 160 -0.65 -1.87 31.93
C SER C 160 -1.86 -2.07 31.05
N PHE C 161 -2.67 -1.03 30.93
CA PHE C 161 -3.86 -1.07 30.10
C PHE C 161 -3.46 -1.19 28.64
N LEU C 162 -2.40 -0.49 28.26
CA LEU C 162 -1.98 -0.55 26.88
C LEU C 162 -1.21 -1.82 26.55
N GLU C 163 -0.59 -2.46 27.52
CA GLU C 163 0.13 -3.69 27.23
C GLU C 163 -0.87 -4.79 26.86
N VAL C 164 -1.98 -4.83 27.57
CA VAL C 164 -3.02 -5.81 27.28
C VAL C 164 -3.68 -5.45 25.95
N SER C 165 -4.06 -4.20 25.79
CA SER C 165 -4.67 -3.75 24.54
C SER C 165 -3.83 -4.09 23.31
N TYR C 166 -2.50 -4.01 23.45
CA TYR C 166 -1.65 -4.31 22.32
C TYR C 166 -1.75 -5.76 21.95
N ARG C 167 -1.82 -6.64 22.95
CA ARG C 167 -1.94 -8.06 22.66
C ARG C 167 -3.29 -8.35 21.98
N VAL C 168 -4.36 -7.80 22.52
CA VAL C 168 -5.70 -7.97 21.98
C VAL C 168 -5.72 -7.52 20.52
N LEU C 169 -5.35 -6.28 20.26
CA LEU C 169 -5.34 -5.79 18.91
C LEU C 169 -4.35 -6.54 18.05
N ARG C 170 -3.15 -6.82 18.54
CA ARG C 170 -2.18 -7.53 17.69
C ARG C 170 -2.78 -8.82 17.18
N HIS C 171 -3.63 -9.46 17.97
CA HIS C 171 -4.25 -10.70 17.55
C HIS C 171 -5.30 -10.46 16.46
N LEU C 172 -6.25 -9.56 16.70
CA LEU C 172 -7.27 -9.25 15.71
C LEU C 172 -6.65 -8.98 14.33
N ALA C 173 -5.46 -8.38 14.33
CA ALA C 173 -4.79 -8.02 13.08
C ALA C 173 -4.13 -9.12 12.28
N GLN C 174 -3.05 -9.67 12.83
CA GLN C 174 -2.27 -10.72 12.18
C GLN C 174 -1.75 -10.20 10.82
N PRO C 175 -0.82 -9.22 10.85
CA PRO C 175 -0.24 -8.59 9.66
C PRO C 175 0.47 -9.57 8.71
N GLY D 2 0.88 42.91 -13.69
CA GLY D 2 -0.40 43.02 -12.92
C GLY D 2 -0.16 42.75 -11.45
N TYR D 3 -1.16 43.05 -10.59
CA TYR D 3 -1.03 42.84 -9.14
C TYR D 3 -2.02 41.91 -8.41
N PRO D 4 -3.02 41.32 -9.11
CA PRO D 4 -3.92 40.46 -8.34
C PRO D 4 -3.16 39.20 -7.94
N PRO D 5 -3.20 38.83 -6.64
CA PRO D 5 -2.50 37.61 -6.20
C PRO D 5 -3.13 36.41 -6.90
N ALA D 6 -2.27 35.52 -7.43
CA ALA D 6 -2.75 34.33 -8.13
C ALA D 6 -2.78 33.12 -7.20
N SER D 7 -3.58 32.12 -7.57
CA SER D 7 -3.72 30.89 -6.78
C SER D 7 -2.38 30.14 -6.59
N PRO D 8 -1.86 30.04 -5.34
CA PRO D 8 -0.60 29.34 -5.01
C PRO D 8 -0.62 27.85 -5.33
N SER D 9 0.55 27.23 -5.47
CA SER D 9 0.64 25.81 -5.83
C SER D 9 1.71 24.97 -5.10
N ASN D 10 1.83 23.71 -5.51
CA ASN D 10 2.78 22.74 -4.96
C ASN D 10 2.81 22.85 -3.43
N LEU D 11 1.62 22.82 -2.83
CA LEU D 11 1.46 22.87 -1.37
C LEU D 11 1.70 21.47 -0.81
N SER D 12 2.62 21.36 0.14
CA SER D 12 2.96 20.10 0.77
C SER D 12 3.08 20.33 2.27
N CYS D 13 2.88 19.25 3.01
CA CYS D 13 2.97 19.33 4.44
C CYS D 13 3.68 18.08 4.90
N LEU D 14 4.50 18.23 5.93
CA LEU D 14 5.19 17.11 6.53
C LEU D 14 5.06 17.26 8.04
N MET D 15 4.77 16.15 8.72
CA MET D 15 4.62 16.13 10.17
C MET D 15 6.00 15.95 10.78
N HIS D 16 6.48 16.94 11.50
CA HIS D 16 7.80 16.89 12.10
C HIS D 16 7.73 16.40 13.51
N LEU D 17 8.27 15.21 13.75
CA LEU D 17 8.23 14.63 15.07
C LEU D 17 9.16 15.29 16.08
N THR D 18 10.17 16.02 15.59
CA THR D 18 11.14 16.71 16.44
C THR D 18 10.52 17.92 17.11
N THR D 19 9.75 18.67 16.33
CA THR D 19 9.08 19.87 16.80
C THR D 19 7.58 19.62 17.06
N ASN D 20 7.13 18.41 16.73
CA ASN D 20 5.75 17.98 16.88
C ASN D 20 4.82 19.01 16.28
N SER D 21 5.02 19.28 14.99
CA SER D 21 4.19 20.24 14.28
C SER D 21 4.12 19.92 12.81
N LEU D 22 2.97 20.20 12.20
CA LEU D 22 2.73 19.97 10.79
C LEU D 22 3.23 21.19 10.05
N VAL D 23 4.25 20.99 9.23
CA VAL D 23 4.84 22.08 8.49
C VAL D 23 4.46 22.07 7.04
N CYS D 24 3.88 23.17 6.61
CA CYS D 24 3.43 23.32 5.25
C CYS D 24 4.14 24.43 4.51
N GLN D 25 4.49 24.14 3.27
CA GLN D 25 5.20 25.08 2.42
C GLN D 25 4.48 25.13 1.08
N TRP D 26 4.54 26.28 0.40
CA TRP D 26 3.85 26.48 -0.89
C TRP D 26 4.67 27.33 -1.86
N GLU D 27 4.12 27.54 -3.07
CA GLU D 27 4.74 28.37 -4.11
C GLU D 27 3.83 29.57 -4.41
N PRO D 28 4.25 30.80 -4.04
CA PRO D 28 3.46 32.01 -4.27
C PRO D 28 3.43 32.43 -5.75
N GLY D 29 4.57 32.38 -6.41
CA GLY D 29 4.66 32.75 -7.80
C GLY D 29 5.08 34.19 -7.99
N PRO D 30 4.45 34.90 -8.95
CA PRO D 30 4.71 36.30 -9.29
C PRO D 30 4.99 37.21 -8.09
N GLU D 31 6.16 37.82 -8.10
CA GLU D 31 6.57 38.74 -7.05
C GLU D 31 5.79 40.05 -7.20
N THR D 32 4.68 40.17 -6.51
CA THR D 32 3.88 41.39 -6.57
C THR D 32 4.66 42.48 -5.85
N HIS D 33 4.38 43.74 -6.18
CA HIS D 33 5.08 44.87 -5.58
C HIS D 33 4.24 45.54 -4.47
N LEU D 34 3.27 44.79 -3.92
CA LEU D 34 2.38 45.32 -2.87
C LEU D 34 2.30 44.48 -1.59
N PRO D 35 2.01 45.13 -0.45
CA PRO D 35 1.90 44.48 0.87
C PRO D 35 0.88 43.32 0.92
N THR D 36 1.37 42.12 0.65
CA THR D 36 0.55 40.92 0.64
C THR D 36 0.77 40.09 1.91
N SER D 37 -0.02 39.04 2.08
CA SER D 37 0.07 38.19 3.25
C SER D 37 -0.49 36.80 2.96
N PHE D 38 0.14 35.77 3.54
CA PHE D 38 -0.30 34.39 3.35
C PHE D 38 -0.76 33.79 4.67
N ILE D 39 -1.91 33.15 4.66
CA ILE D 39 -2.44 32.54 5.87
C ILE D 39 -2.79 31.09 5.60
N LEU D 40 -2.14 30.19 6.34
CA LEU D 40 -2.40 28.77 6.21
C LEU D 40 -3.67 28.52 7.00
N LYS D 41 -4.74 28.21 6.29
CA LYS D 41 -6.01 27.98 6.93
C LYS D 41 -6.33 26.52 6.92
N SER D 42 -7.11 26.08 7.88
CA SER D 42 -7.49 24.68 7.97
C SER D 42 -8.66 24.42 8.92
N PHE D 43 -9.28 23.24 8.76
CA PHE D 43 -10.38 22.80 9.61
C PHE D 43 -10.39 21.27 9.71
N ARG D 44 -10.70 20.76 10.90
CA ARG D 44 -10.76 19.33 11.08
C ARG D 44 -11.90 18.81 10.22
N SER D 45 -11.76 17.61 9.67
CA SER D 45 -12.79 17.07 8.80
C SER D 45 -12.78 15.55 8.95
N ARG D 46 -13.25 14.81 7.96
CA ARG D 46 -13.24 13.33 8.00
C ARG D 46 -12.68 12.94 6.66
N ALA D 47 -12.47 11.64 6.41
CA ALA D 47 -11.90 11.21 5.12
C ALA D 47 -12.62 11.85 3.93
N ASP D 48 -11.85 12.12 2.88
CA ASP D 48 -12.37 12.76 1.66
C ASP D 48 -12.67 14.25 1.86
N CYS D 49 -12.47 14.74 3.08
CA CYS D 49 -12.68 16.13 3.47
C CYS D 49 -14.03 16.80 3.13
N GLN D 50 -15.11 16.03 3.25
CA GLN D 50 -16.47 16.52 3.02
C GLN D 50 -17.19 16.37 4.36
N TYR D 51 -17.14 17.46 5.12
CA TYR D 51 -17.70 17.57 6.47
C TYR D 51 -16.89 18.75 6.93
N GLN D 52 -17.44 19.94 6.86
CA GLN D 52 -16.64 21.07 7.29
C GLN D 52 -16.70 21.12 8.81
N GLY D 53 -15.67 20.55 9.44
CA GLY D 53 -15.55 20.48 10.90
C GLY D 53 -14.97 21.70 11.62
N ASP D 54 -14.46 21.48 12.83
CA ASP D 54 -13.92 22.60 13.61
C ASP D 54 -12.76 23.35 12.96
N THR D 55 -12.87 24.66 12.90
CA THR D 55 -11.84 25.50 12.33
C THR D 55 -10.58 25.52 13.17
N ILE D 56 -9.46 25.25 12.53
CA ILE D 56 -8.16 25.24 13.16
C ILE D 56 -7.62 26.65 13.01
N PRO D 57 -7.03 27.18 14.07
CA PRO D 57 -6.46 28.53 14.09
C PRO D 57 -5.62 28.79 12.87
N ASP D 58 -5.82 29.94 12.25
CA ASP D 58 -5.04 30.31 11.07
C ASP D 58 -3.58 30.41 11.45
N CYS D 59 -2.70 30.03 10.54
CA CYS D 59 -1.28 30.14 10.79
C CYS D 59 -0.80 31.23 9.83
N VAL D 60 -0.41 32.38 10.38
CA VAL D 60 0.08 33.48 9.55
C VAL D 60 1.56 33.32 9.30
N ALA D 61 1.90 33.21 8.03
CA ALA D 61 3.28 33.03 7.58
C ALA D 61 4.18 34.19 7.94
N LYS D 62 5.42 33.87 8.31
CA LYS D 62 6.35 34.91 8.66
C LYS D 62 6.64 35.72 7.40
N LYS D 63 7.04 36.96 7.61
CA LYS D 63 7.36 37.93 6.55
C LYS D 63 8.04 37.39 5.26
N ARG D 64 9.26 36.89 5.35
CA ARG D 64 9.92 36.39 4.14
C ARG D 64 9.62 34.93 3.81
N GLN D 65 9.59 34.10 4.85
CA GLN D 65 9.34 32.66 4.73
C GLN D 65 7.98 32.32 4.15
N ASN D 66 7.98 31.42 3.17
CA ASN D 66 6.75 30.96 2.53
C ASN D 66 6.43 29.55 3.01
N ASN D 67 6.08 29.49 4.30
CA ASN D 67 5.71 28.27 5.03
C ASN D 67 5.19 28.65 6.42
N CYS D 68 4.39 27.78 7.02
CA CYS D 68 3.87 28.03 8.33
C CYS D 68 3.77 26.65 8.98
N SER D 69 3.82 26.62 10.30
CA SER D 69 3.78 25.41 11.09
C SER D 69 2.57 25.37 12.02
N ILE D 70 1.80 24.29 11.96
CA ILE D 70 0.65 24.13 12.87
C ILE D 70 1.11 23.26 14.05
N PRO D 71 1.13 23.81 15.27
CA PRO D 71 1.56 23.08 16.44
C PRO D 71 0.62 21.92 16.69
N ARG D 72 1.15 20.80 17.19
CA ARG D 72 0.33 19.63 17.42
C ARG D 72 -0.79 19.83 18.40
N LYS D 73 -0.72 20.87 19.21
CA LYS D 73 -1.81 21.14 20.15
C LYS D 73 -3.07 21.47 19.35
N ASN D 74 -2.90 21.88 18.10
CA ASN D 74 -4.05 22.23 17.25
C ASN D 74 -4.48 21.12 16.29
N LEU D 75 -3.72 20.04 16.21
CA LEU D 75 -4.07 18.96 15.30
C LEU D 75 -4.71 17.80 16.01
N LEU D 76 -5.54 17.06 15.29
CA LEU D 76 -6.14 15.87 15.83
C LEU D 76 -5.48 14.80 14.99
N LEU D 77 -4.49 14.15 15.57
CA LEU D 77 -3.80 13.11 14.86
C LEU D 77 -4.71 11.92 14.62
N TYR D 78 -4.42 11.20 13.55
CA TYR D 78 -5.17 10.02 13.12
C TYR D 78 -6.59 10.28 12.65
N GLN D 79 -6.77 11.47 12.09
CA GLN D 79 -8.02 11.90 11.49
C GLN D 79 -7.67 12.94 10.41
N TYR D 80 -8.40 12.90 9.29
CA TYR D 80 -8.19 13.80 8.15
C TYR D 80 -8.52 15.26 8.38
N MET D 81 -7.88 16.15 7.64
CA MET D 81 -8.12 17.57 7.79
C MET D 81 -7.87 18.24 6.45
N ALA D 82 -8.60 19.30 6.21
CA ALA D 82 -8.51 20.06 4.99
C ALA D 82 -7.57 21.21 5.24
N ILE D 83 -6.61 21.40 4.35
CA ILE D 83 -5.62 22.47 4.48
C ILE D 83 -5.49 23.22 3.17
N TRP D 84 -5.35 24.54 3.26
CA TRP D 84 -5.18 25.37 2.08
C TRP D 84 -4.55 26.67 2.53
N VAL D 85 -3.95 27.36 1.59
CA VAL D 85 -3.32 28.63 1.89
C VAL D 85 -4.03 29.75 1.11
N GLN D 86 -4.20 30.91 1.75
CA GLN D 86 -4.90 32.05 1.15
C GLN D 86 -4.02 33.28 1.09
N ALA D 87 -4.02 33.92 -0.07
CA ALA D 87 -3.23 35.12 -0.30
C ALA D 87 -4.11 36.35 -0.34
N GLU D 88 -3.89 37.24 0.61
CA GLU D 88 -4.65 38.49 0.75
C GLU D 88 -3.75 39.67 0.36
N ASN D 89 -4.12 40.33 -0.73
CA ASN D 89 -3.38 41.47 -1.24
C ASN D 89 -4.37 42.61 -1.32
N MET D 90 -3.87 43.84 -1.32
CA MET D 90 -4.75 45.01 -1.39
C MET D 90 -5.64 45.04 -2.66
N LEU D 91 -5.35 44.18 -3.65
CA LEU D 91 -6.11 44.13 -4.92
C LEU D 91 -6.80 42.80 -5.22
N GLY D 92 -7.05 41.98 -4.20
CA GLY D 92 -7.69 40.70 -4.47
C GLY D 92 -7.20 39.58 -3.58
N SER D 93 -7.84 38.43 -3.72
CA SER D 93 -7.50 37.24 -2.93
C SER D 93 -7.46 36.03 -3.83
N SER D 94 -6.74 35.01 -3.35
CA SER D 94 -6.61 33.75 -4.06
C SER D 94 -6.44 32.66 -3.02
N GLU D 95 -6.78 31.44 -3.40
CA GLU D 95 -6.68 30.29 -2.50
C GLU D 95 -6.13 29.13 -3.31
N SER D 96 -5.45 28.22 -2.61
CA SER D 96 -4.90 27.02 -3.22
C SER D 96 -5.95 25.93 -3.17
N PRO D 97 -5.83 24.91 -4.04
CA PRO D 97 -6.84 23.87 -3.96
C PRO D 97 -6.65 23.20 -2.59
N LYS D 98 -7.74 22.72 -1.99
CA LYS D 98 -7.66 22.12 -0.69
C LYS D 98 -7.02 20.76 -0.68
N LEU D 99 -6.09 20.60 0.25
CA LEU D 99 -5.35 19.36 0.42
C LEU D 99 -6.02 18.59 1.56
N CYS D 100 -6.06 17.26 1.44
CA CYS D 100 -6.68 16.42 2.46
C CYS D 100 -5.73 15.36 3.00
N LEU D 101 -5.27 15.57 4.23
CA LEU D 101 -4.32 14.64 4.85
C LEU D 101 -4.58 14.38 6.32
N ASP D 102 -3.86 13.38 6.83
CA ASP D 102 -3.88 12.99 8.24
C ASP D 102 -2.42 13.29 8.54
N PRO D 103 -2.14 14.19 9.47
CA PRO D 103 -0.74 14.51 9.76
C PRO D 103 0.18 13.28 9.91
N MET D 104 -0.36 12.22 10.47
CA MET D 104 0.44 11.04 10.67
C MET D 104 0.79 10.28 9.41
N ASP D 105 0.20 10.69 8.30
CA ASP D 105 0.43 10.06 7.00
C ASP D 105 1.56 10.72 6.24
N VAL D 106 1.98 11.87 6.75
CA VAL D 106 3.03 12.62 6.11
C VAL D 106 4.16 12.90 7.08
N VAL D 107 4.46 11.91 7.89
CA VAL D 107 5.51 12.04 8.86
C VAL D 107 6.87 12.01 8.17
N LYS D 108 7.70 13.00 8.47
CA LYS D 108 9.03 13.09 7.89
C LYS D 108 9.96 12.27 8.75
N LEU D 109 10.44 11.19 8.15
CA LEU D 109 11.35 10.25 8.78
C LEU D 109 12.83 10.59 8.54
N GLU D 110 13.68 10.22 9.48
CA GLU D 110 15.10 10.45 9.37
C GLU D 110 15.61 9.02 9.41
N PRO D 111 16.71 8.76 8.72
CA PRO D 111 17.33 7.44 8.63
C PRO D 111 17.65 6.74 9.93
N PRO D 112 17.71 5.42 9.92
CA PRO D 112 18.01 4.61 11.10
C PRO D 112 19.49 4.61 11.49
N MET D 113 19.75 4.22 12.73
CA MET D 113 21.09 4.17 13.30
C MET D 113 21.70 2.82 12.99
N LEU D 114 22.48 2.79 11.91
CA LEU D 114 23.15 1.58 11.43
C LEU D 114 24.62 1.62 11.88
N GLN D 115 25.09 0.53 12.48
CA GLN D 115 26.45 0.49 12.95
C GLN D 115 27.00 -0.92 12.81
N ALA D 116 28.32 -1.03 12.77
CA ALA D 116 29.00 -2.32 12.71
C ALA D 116 28.88 -2.82 14.12
N LEU D 117 28.60 -4.09 14.33
CA LEU D 117 28.40 -4.61 15.67
C LEU D 117 29.55 -4.58 16.67
N ASP D 118 29.18 -4.58 17.96
CA ASP D 118 30.11 -4.59 19.10
C ASP D 118 29.52 -5.45 20.24
N GLN D 127 34.25 -14.15 10.93
CA GLN D 127 34.08 -15.06 9.76
C GLN D 127 34.66 -14.40 8.51
N PRO D 128 35.27 -15.19 7.61
CA PRO D 128 35.91 -14.76 6.35
C PRO D 128 35.00 -14.13 5.30
N GLY D 129 35.32 -12.87 4.96
CA GLY D 129 34.54 -12.12 3.97
C GLY D 129 33.16 -11.68 4.47
N CYS D 130 33.02 -11.60 5.79
CA CYS D 130 31.78 -11.22 6.48
C CYS D 130 31.80 -9.85 7.18
N LEU D 131 30.62 -9.40 7.59
CA LEU D 131 30.41 -8.14 8.29
C LEU D 131 29.21 -8.30 9.22
N TRP D 132 29.25 -7.65 10.37
CA TRP D 132 28.12 -7.72 11.27
C TRP D 132 27.60 -6.31 11.46
N LEU D 133 26.28 -6.19 11.35
CA LEU D 133 25.62 -4.92 11.50
C LEU D 133 24.66 -4.92 12.65
N SER D 134 24.18 -3.72 12.95
CA SER D 134 23.24 -3.49 14.02
C SER D 134 22.55 -2.20 13.64
N TRP D 135 21.26 -2.10 13.93
CA TRP D 135 20.57 -0.87 13.66
C TRP D 135 19.37 -0.75 14.57
N LYS D 136 19.07 0.50 14.89
CA LYS D 136 17.93 0.85 15.73
C LYS D 136 17.30 1.96 14.92
N PRO D 137 16.00 2.22 15.10
CA PRO D 137 15.41 3.29 14.31
C PRO D 137 15.65 4.67 14.91
N TRP D 138 15.26 5.69 14.17
CA TRP D 138 15.36 7.06 14.58
C TRP D 138 14.41 7.14 15.78
N LYS D 139 14.98 7.33 16.97
CA LYS D 139 14.19 7.34 18.19
C LYS D 139 12.82 8.01 18.24
N PRO D 140 12.69 9.22 17.67
CA PRO D 140 11.38 9.88 17.72
C PRO D 140 10.28 9.15 17.05
N SER D 141 10.66 8.21 16.19
CA SER D 141 9.69 7.43 15.45
C SER D 141 9.68 5.99 15.87
N GLU D 142 10.30 5.67 17.01
CA GLU D 142 10.38 4.29 17.44
C GLU D 142 9.03 3.59 17.62
N TYR D 143 7.97 4.38 17.81
CA TYR D 143 6.61 3.85 18.01
C TYR D 143 5.96 3.39 16.72
N MET D 144 6.60 3.72 15.61
CA MET D 144 6.12 3.39 14.28
C MET D 144 6.70 2.03 13.82
N GLU D 145 5.85 1.13 13.33
CA GLU D 145 6.35 -0.17 12.85
C GLU D 145 6.92 0.16 11.49
N GLN D 146 8.22 -0.03 11.32
CA GLN D 146 8.87 0.29 10.06
C GLN D 146 9.45 -0.93 9.34
N GLU D 147 9.79 -0.73 8.07
CA GLU D 147 10.35 -1.75 7.18
C GLU D 147 11.52 -1.04 6.54
N CYS D 148 12.66 -1.70 6.36
CA CYS D 148 13.81 -1.03 5.79
C CYS D 148 14.49 -1.78 4.67
N GLU D 149 15.27 -1.03 3.89
CA GLU D 149 16.08 -1.53 2.78
C GLU D 149 17.51 -1.17 3.22
N LEU D 150 18.45 -2.05 2.96
CA LEU D 150 19.85 -1.83 3.26
C LEU D 150 20.52 -1.98 1.93
N ARG D 151 21.39 -1.06 1.55
CA ARG D 151 22.07 -1.23 0.28
C ARG D 151 23.55 -1.25 0.53
N TYR D 152 24.25 -2.14 -0.18
CA TYR D 152 25.69 -2.28 -0.04
C TYR D 152 26.45 -2.46 -1.35
N GLN D 153 27.66 -1.92 -1.41
CA GLN D 153 28.48 -2.05 -2.60
C GLN D 153 29.96 -2.06 -2.29
N PRO D 154 30.72 -2.84 -3.05
CA PRO D 154 32.15 -2.86 -2.79
C PRO D 154 32.55 -1.49 -3.29
N GLN D 155 33.41 -0.81 -2.58
CA GLN D 155 33.80 0.51 -3.05
C GLN D 155 34.79 0.39 -4.21
N LEU D 156 34.27 0.42 -5.43
CA LEU D 156 35.07 0.32 -6.67
C LEU D 156 34.63 1.39 -7.67
N LYS D 157 35.33 1.48 -8.80
CA LYS D 157 35.03 2.48 -9.81
C LYS D 157 33.67 2.34 -10.48
N GLY D 158 33.10 1.13 -10.40
CA GLY D 158 31.78 0.86 -10.97
C GLY D 158 30.72 0.74 -9.87
N ALA D 159 30.08 1.87 -9.55
CA ALA D 159 29.08 1.91 -8.49
C ALA D 159 27.83 1.02 -8.68
N ASN D 160 27.92 -0.25 -8.27
CA ASN D 160 26.76 -1.14 -8.40
C ASN D 160 26.13 -1.52 -7.06
N TRP D 161 24.93 -0.99 -6.82
CA TRP D 161 24.17 -1.24 -5.59
C TRP D 161 23.47 -2.61 -5.48
N THR D 162 23.74 -3.30 -4.38
CA THR D 162 23.16 -4.61 -4.09
C THR D 162 22.19 -4.39 -2.94
N LEU D 163 20.95 -4.83 -3.10
CA LEU D 163 19.94 -4.64 -2.08
C LEU D 163 19.39 -5.81 -1.29
N VAL D 164 18.97 -5.50 -0.08
CA VAL D 164 18.33 -6.42 0.85
C VAL D 164 17.04 -5.68 1.22
N PHE D 165 15.90 -6.32 0.97
CA PHE D 165 14.62 -5.69 1.22
C PHE D 165 13.86 -6.24 2.41
N HIS D 166 12.85 -5.48 2.82
CA HIS D 166 11.99 -5.90 3.91
C HIS D 166 12.70 -6.28 5.19
N LEU D 167 13.66 -5.47 5.57
CA LEU D 167 14.38 -5.70 6.81
C LEU D 167 13.62 -5.04 7.92
N PRO D 168 13.75 -5.60 9.13
CA PRO D 168 13.08 -5.07 10.32
C PRO D 168 13.64 -3.72 10.72
N SER D 169 12.89 -3.01 11.55
CA SER D 169 13.27 -1.69 12.00
C SER D 169 14.53 -1.70 12.85
N SER D 170 14.81 -2.82 13.50
CA SER D 170 16.01 -2.93 14.33
C SER D 170 16.49 -4.37 14.36
N LYS D 171 17.79 -4.53 14.51
CA LYS D 171 18.43 -5.82 14.56
C LYS D 171 19.59 -5.67 15.53
N ASP D 172 19.72 -6.61 16.48
CA ASP D 172 20.82 -6.60 17.46
C ASP D 172 22.11 -6.94 16.75
N GLN D 173 22.08 -7.99 15.96
CA GLN D 173 23.23 -8.41 15.19
C GLN D 173 22.71 -9.03 13.91
N PHE D 174 23.21 -8.55 12.79
CA PHE D 174 22.80 -9.05 11.49
C PHE D 174 24.07 -9.37 10.74
N GLU D 175 24.28 -10.65 10.48
CA GLU D 175 25.46 -11.08 9.77
C GLU D 175 25.23 -11.03 8.26
N LEU D 176 26.05 -10.24 7.59
CA LEU D 176 25.95 -10.10 6.15
C LEU D 176 27.23 -10.68 5.57
N CYS D 177 27.10 -11.45 4.50
CA CYS D 177 28.27 -12.05 3.90
C CYS D 177 28.21 -12.10 2.38
N GLY D 178 29.31 -12.54 1.78
CA GLY D 178 29.40 -12.61 0.34
C GLY D 178 30.12 -11.36 -0.10
N LEU D 179 30.92 -10.81 0.82
CA LEU D 179 31.63 -9.59 0.56
C LEU D 179 33.13 -9.73 0.34
N HIS D 180 33.48 -9.99 -0.90
CA HIS D 180 34.87 -10.12 -1.33
C HIS D 180 34.87 -9.75 -2.80
N GLN D 181 35.01 -8.46 -3.09
CA GLN D 181 35.01 -7.90 -4.44
C GLN D 181 35.77 -6.56 -4.32
N ALA D 182 36.14 -6.27 -3.08
CA ALA D 182 36.85 -5.06 -2.72
C ALA D 182 37.17 -5.21 -1.23
N PRO D 183 38.19 -4.49 -0.74
CA PRO D 183 38.55 -4.58 0.68
C PRO D 183 37.58 -3.83 1.58
N VAL D 184 36.94 -2.79 1.03
CA VAL D 184 35.98 -2.00 1.78
C VAL D 184 34.64 -1.76 1.08
N TYR D 185 33.56 -1.85 1.85
CA TYR D 185 32.21 -1.66 1.34
C TYR D 185 31.50 -0.47 1.98
N THR D 186 30.62 0.17 1.22
CA THR D 186 29.79 1.27 1.71
C THR D 186 28.40 0.71 2.02
N LEU D 187 27.79 1.11 3.11
CA LEU D 187 26.47 0.61 3.43
C LEU D 187 25.59 1.75 3.85
N GLN D 188 24.34 1.69 3.45
CA GLN D 188 23.35 2.69 3.83
C GLN D 188 22.04 1.96 4.08
N MET D 189 21.16 2.60 4.81
CA MET D 189 19.88 2.00 5.13
C MET D 189 18.86 3.11 5.18
N ARG D 190 17.63 2.83 4.82
CA ARG D 190 16.56 3.83 4.85
C ARG D 190 15.34 3.06 5.28
N CYS D 191 14.37 3.75 5.88
CA CYS D 191 13.16 3.07 6.34
C CYS D 191 11.88 3.76 5.93
N ILE D 192 10.75 3.06 6.06
CA ILE D 192 9.44 3.62 5.71
C ILE D 192 8.41 2.96 6.63
N ARG D 193 7.31 3.67 6.87
CA ARG D 193 6.21 3.18 7.73
C ARG D 193 5.64 1.92 7.12
N SER D 194 5.48 0.89 7.93
CA SER D 194 4.96 -0.36 7.43
C SER D 194 3.44 -0.42 7.31
N SER D 195 2.98 -0.83 6.13
CA SER D 195 1.57 -1.01 5.83
C SER D 195 0.66 0.20 5.85
N LEU D 196 1.19 1.37 6.14
CA LEU D 196 0.34 2.54 6.09
C LEU D 196 1.05 3.64 5.30
N PRO D 197 0.31 4.70 4.95
CA PRO D 197 0.91 5.81 4.20
C PRO D 197 2.09 6.55 4.87
N GLY D 198 3.13 6.75 4.07
CA GLY D 198 4.32 7.47 4.51
C GLY D 198 5.35 7.52 3.41
N PHE D 199 6.28 8.45 3.52
CA PHE D 199 7.33 8.60 2.53
C PHE D 199 8.61 7.92 3.03
N TRP D 200 9.46 7.44 2.12
CA TRP D 200 10.72 6.81 2.54
C TRP D 200 11.54 7.87 3.27
N SER D 201 12.43 7.42 4.12
CA SER D 201 13.31 8.32 4.84
C SER D 201 14.50 8.50 3.90
N PRO D 202 15.38 9.47 4.21
CA PRO D 202 16.53 9.63 3.33
C PRO D 202 17.48 8.44 3.65
N TRP D 203 18.45 8.13 2.77
CA TRP D 203 19.36 7.03 3.06
C TRP D 203 20.33 7.54 4.11
N SER D 204 20.64 6.71 5.08
CA SER D 204 21.55 7.06 6.15
C SER D 204 22.91 7.37 5.55
N PRO D 205 23.73 8.19 6.24
CA PRO D 205 25.06 8.50 5.74
C PRO D 205 25.86 7.20 5.56
N GLY D 206 26.65 7.17 4.50
CA GLY D 206 27.43 6.01 4.19
C GLY D 206 28.35 5.49 5.25
N LEU D 207 28.24 4.20 5.53
CA LEU D 207 29.08 3.51 6.48
C LEU D 207 30.10 2.81 5.61
N GLN D 208 31.37 3.02 5.89
CA GLN D 208 32.41 2.40 5.10
C GLN D 208 33.03 1.38 6.06
N LEU D 209 32.70 0.12 5.84
CA LEU D 209 33.19 -0.96 6.68
C LEU D 209 34.06 -1.95 5.94
N ARG D 210 34.87 -2.66 6.71
CA ARG D 210 35.81 -3.65 6.17
C ARG D 210 35.38 -5.07 6.53
N PRO D 211 35.12 -5.90 5.51
CA PRO D 211 34.72 -7.30 5.68
C PRO D 211 35.85 -8.08 6.33
N THR D 212 35.55 -8.91 7.31
CA THR D 212 36.57 -9.72 7.96
C THR D 212 37.35 -10.47 6.88
N MET D 213 38.68 -10.51 6.99
CA MET D 213 39.56 -11.19 6.02
C MET D 213 39.53 -12.72 6.13
C1 NAG E . -10.48 13.77 -13.44
C2 NAG E . -11.76 14.09 -12.57
C3 NAG E . -12.62 12.81 -12.44
C4 NAG E . -13.02 12.34 -13.82
C5 NAG E . -11.76 12.04 -14.63
C6 NAG E . -12.07 11.62 -16.06
C7 NAG E . -12.36 15.13 -10.46
C8 NAG E . -11.97 15.62 -9.08
N2 NAG E . -11.42 14.59 -11.24
O3 NAG E . -13.79 13.01 -11.65
O4 NAG E . -13.84 11.19 -13.68
O5 NAG E . -10.90 13.22 -14.72
O6 NAG E . -12.80 12.61 -16.79
O7 NAG E . -13.54 15.29 -10.81
C1 NAG F . 7.24 20.68 -5.73
C2 NAG F . 8.26 20.57 -6.90
C3 NAG F . 9.51 19.77 -6.50
C4 NAG F . 10.09 20.26 -5.17
C5 NAG F . 8.98 20.22 -4.11
C6 NAG F . 9.39 20.59 -2.67
C7 NAG F . 6.88 20.59 -8.92
C8 NAG F . 6.26 19.78 -10.05
N2 NAG F . 7.61 19.91 -8.04
O3 NAG F . 10.50 19.86 -7.52
O4 NAG F . 11.20 19.44 -4.79
O5 NAG F . 7.90 21.10 -4.51
O6 NAG F . 9.82 21.95 -2.53
O7 NAG F . 6.69 21.79 -8.86
#